data_6MB4
#
_entry.id   6MB4
#
_cell.length_a   69.478
_cell.length_b   99.649
_cell.length_c   207.605
_cell.angle_alpha   90.000
_cell.angle_beta   90.000
_cell.angle_gamma   90.000
#
_symmetry.space_group_name_H-M   'P 21 21 21'
#
loop_
_entity.id
_entity.type
_entity.pdbx_description
1 polymer 'Aac(3)-IIIb protein'
2 non-polymer '(1S,2S,3R,4S,6R)-4,6-diamino-3-{[(2S,3R)-3-amino-6-(aminomethyl)-3,4-dihydro-2H-pyran-2-yl]oxy}-2-hydroxycyclohexyl 3-deoxy-4-C-methyl-3-(methylamino)-beta-L-arabinopyranoside'
3 water water
#
_entity_poly.entity_id   1
_entity_poly.type   'polypeptide(L)'
_entity_poly.pdbx_seq_one_letter_code
;MTSATASFATRTSLAADLAALGLAWGDAIMVHAAVSRVGRLLDGPDTIIAALRDTVGPGGTVLAYADWEARYEDLVDDAG
RVPPEWREHVPPFDPQRSRAIRDNGVLPEFLRTTPGTLRSGNPGASLVALGAKAEWFTADHPLDYGYGEGSPLAKLVEAG
GKVLMLGAPLDTLTLLHHAEHLADIPGKRIKRIEVPFATPTGTQWRMIEEFDTGDPIVAGLAEDYFAGIVTEFLASGQGR
QGLIGAAPSVLVDAAAITAFGVTWLEKRFGTPSP
;
_entity_poly.pdbx_strand_id   A,B,C,D
#
loop_
_chem_comp.id
_chem_comp.type
_chem_comp.name
_chem_comp.formula
SIS non-polymer '(1S,2S,3R,4S,6R)-4,6-diamino-3-{[(2S,3R)-3-amino-6-(aminomethyl)-3,4-dihydro-2H-pyran-2-yl]oxy}-2-hydroxycyclohexyl 3-deoxy-4-C-methyl-3-(methylamino)-beta-L-arabinopyranoside' 'C19 H37 N5 O7'
#
# COMPACT_ATOMS: atom_id res chain seq x y z
N SER A 7 -8.82 4.03 -15.74
CA SER A 7 -9.60 4.25 -14.53
C SER A 7 -10.13 2.93 -13.99
N PHE A 8 -10.02 1.86 -14.77
CA PHE A 8 -10.49 0.55 -14.34
C PHE A 8 -9.62 -0.53 -14.99
N ALA A 9 -8.86 -1.25 -14.17
CA ALA A 9 -8.18 -2.45 -14.65
C ALA A 9 -9.20 -3.57 -14.78
N THR A 10 -9.14 -4.29 -15.88
CA THR A 10 -10.10 -5.34 -16.18
C THR A 10 -9.41 -6.70 -16.25
N ARG A 11 -10.25 -7.72 -16.36
CA ARG A 11 -9.78 -9.07 -16.61
C ARG A 11 -8.95 -9.12 -17.91
N THR A 12 -9.36 -8.33 -18.90
CA THR A 12 -8.64 -8.30 -20.17
C THR A 12 -7.30 -7.58 -20.04
N SER A 13 -7.29 -6.42 -19.38
CA SER A 13 -6.06 -5.64 -19.27
C SER A 13 -5.04 -6.32 -18.37
N LEU A 14 -5.49 -6.92 -17.27
CA LEU A 14 -4.57 -7.61 -16.37
C LEU A 14 -3.93 -8.81 -17.06
N ALA A 15 -4.72 -9.56 -17.85
CA ALA A 15 -4.18 -10.70 -18.58
C ALA A 15 -3.11 -10.26 -19.56
N ALA A 16 -3.30 -9.10 -20.20
CA ALA A 16 -2.27 -8.56 -21.10
C ALA A 16 -1.01 -8.18 -20.33
N ASP A 17 -1.18 -7.57 -19.15
CA ASP A 17 -0.02 -7.24 -18.33
C ASP A 17 0.73 -8.50 -17.90
N LEU A 18 0.00 -9.56 -17.57
CA LEU A 18 0.64 -10.79 -17.13
C LEU A 18 1.43 -11.43 -18.26
N ALA A 19 0.86 -11.44 -19.47
CA ALA A 19 1.57 -11.99 -20.62
C ALA A 19 2.83 -11.18 -20.91
N ALA A 20 2.74 -9.86 -20.85
CA ALA A 20 3.90 -9.01 -21.09
C ALA A 20 5.00 -9.27 -20.06
N LEU A 21 4.62 -9.61 -18.83
CA LEU A 21 5.61 -9.92 -17.79
C LEU A 21 6.26 -11.28 -17.99
N GLY A 22 5.59 -12.21 -18.67
CA GLY A 22 6.18 -13.50 -18.93
C GLY A 22 5.32 -14.71 -18.56
N LEU A 23 4.15 -14.48 -17.96
CA LEU A 23 3.26 -15.59 -17.65
C LEU A 23 2.76 -16.23 -18.95
N ALA A 24 2.89 -17.55 -19.06
CA ALA A 24 2.70 -18.22 -20.33
C ALA A 24 1.61 -19.28 -20.26
N TRP A 25 1.11 -19.62 -21.46
CA TRP A 25 0.12 -20.68 -21.64
C TRP A 25 0.64 -21.98 -21.05
N GLY A 26 -0.15 -22.56 -20.13
CA GLY A 26 0.22 -23.82 -19.50
C GLY A 26 1.05 -23.70 -18.24
N ASP A 27 1.42 -22.49 -17.82
CA ASP A 27 2.25 -22.33 -16.63
C ASP A 27 1.49 -22.74 -15.37
N ALA A 28 2.26 -23.21 -14.38
CA ALA A 28 1.79 -23.35 -13.01
C ALA A 28 2.30 -22.12 -12.26
N ILE A 29 1.39 -21.26 -11.82
CA ILE A 29 1.75 -19.95 -11.29
C ILE A 29 1.25 -19.84 -9.84
N MET A 30 2.17 -19.58 -8.92
CA MET A 30 1.84 -19.31 -7.53
C MET A 30 1.90 -17.80 -7.30
N VAL A 31 0.86 -17.25 -6.67
CA VAL A 31 0.66 -15.81 -6.60
C VAL A 31 0.69 -15.34 -5.15
N HIS A 32 1.44 -14.27 -4.90
CA HIS A 32 1.37 -13.46 -3.69
C HIS A 32 0.97 -12.07 -4.12
N ALA A 33 -0.20 -11.60 -3.65
CA ALA A 33 -0.81 -10.39 -4.15
C ALA A 33 -1.03 -9.37 -3.05
N ALA A 34 -0.79 -8.10 -3.37
CA ALA A 34 -1.26 -6.95 -2.59
C ALA A 34 -2.37 -6.31 -3.44
N VAL A 35 -3.61 -6.75 -3.20
CA VAL A 35 -4.71 -6.46 -4.11
C VAL A 35 -4.90 -4.96 -4.32
N SER A 36 -4.75 -4.17 -3.25
CA SER A 36 -5.00 -2.73 -3.35
C SER A 36 -4.01 -2.06 -4.29
N ARG A 37 -2.81 -2.62 -4.47
CA ARG A 37 -1.82 -2.00 -5.33
C ARG A 37 -2.09 -2.19 -6.81
N VAL A 38 -2.97 -3.14 -7.18
CA VAL A 38 -3.27 -3.37 -8.59
C VAL A 38 -4.02 -2.19 -9.20
N GLY A 39 -4.69 -1.40 -8.39
CA GLY A 39 -5.50 -0.30 -8.87
C GLY A 39 -6.98 -0.59 -8.76
N ARG A 40 -7.75 0.17 -9.55
CA ARG A 40 -9.20 0.07 -9.51
C ARG A 40 -9.64 -1.17 -10.28
N LEU A 41 -10.31 -2.08 -9.59
CA LEU A 41 -10.70 -3.36 -10.17
C LEU A 41 -12.21 -3.42 -10.33
N LEU A 42 -12.66 -3.86 -11.51
CA LEU A 42 -14.09 -3.95 -11.76
C LEU A 42 -14.73 -5.09 -10.99
N ASP A 43 -14.00 -6.18 -10.79
CA ASP A 43 -14.51 -7.38 -10.12
C ASP A 43 -13.74 -7.69 -8.84
N GLY A 44 -13.04 -6.72 -8.27
CA GLY A 44 -12.28 -6.96 -7.05
C GLY A 44 -11.20 -8.00 -7.25
N PRO A 45 -10.88 -8.73 -6.18
CA PRO A 45 -9.82 -9.75 -6.28
C PRO A 45 -10.09 -10.83 -7.31
N ASP A 46 -11.36 -11.12 -7.62
CA ASP A 46 -11.64 -12.13 -8.63
C ASP A 46 -11.20 -11.71 -10.03
N THR A 47 -11.04 -10.41 -10.29
CA THR A 47 -10.44 -9.99 -11.56
C THR A 47 -9.04 -10.57 -11.71
N ILE A 48 -8.24 -10.52 -10.63
CA ILE A 48 -6.88 -11.04 -10.67
C ILE A 48 -6.89 -12.54 -10.94
N ILE A 49 -7.72 -13.28 -10.20
CA ILE A 49 -7.79 -14.73 -10.38
C ILE A 49 -8.19 -15.07 -11.80
N ALA A 50 -9.22 -14.38 -12.32
CA ALA A 50 -9.67 -14.66 -13.68
C ALA A 50 -8.59 -14.37 -14.70
N ALA A 51 -7.89 -13.23 -14.55
CA ALA A 51 -6.82 -12.91 -15.49
C ALA A 51 -5.73 -13.96 -15.48
N LEU A 52 -5.38 -14.48 -14.30
CA LEU A 52 -4.37 -15.53 -14.21
C LEU A 52 -4.82 -16.79 -14.93
N ARG A 53 -6.09 -17.17 -14.75
CA ARG A 53 -6.61 -18.36 -15.43
C ARG A 53 -6.68 -18.15 -16.94
N ASP A 54 -7.01 -16.94 -17.38
CA ASP A 54 -7.08 -16.66 -18.81
C ASP A 54 -5.70 -16.79 -19.45
N THR A 55 -4.66 -16.37 -18.75
CA THR A 55 -3.32 -16.34 -19.34
C THR A 55 -2.71 -17.74 -19.41
N VAL A 56 -2.88 -18.55 -18.38
CA VAL A 56 -2.30 -19.90 -18.39
C VAL A 56 -3.20 -20.91 -19.09
N GLY A 57 -4.49 -20.61 -19.25
CA GLY A 57 -5.39 -21.50 -19.95
C GLY A 57 -5.78 -22.70 -19.10
N PRO A 58 -6.66 -23.55 -19.65
CA PRO A 58 -7.14 -24.71 -18.88
C PRO A 58 -6.05 -25.73 -18.57
N GLY A 59 -4.94 -25.73 -19.31
CA GLY A 59 -3.83 -26.61 -18.98
C GLY A 59 -2.93 -26.12 -17.86
N GLY A 60 -3.07 -24.85 -17.46
CA GLY A 60 -2.27 -24.31 -16.37
C GLY A 60 -2.94 -24.46 -15.02
N THR A 61 -2.23 -24.01 -13.98
CA THR A 61 -2.70 -24.09 -12.60
C THR A 61 -2.31 -22.82 -11.86
N VAL A 62 -3.27 -22.29 -11.09
CA VAL A 62 -3.06 -21.09 -10.27
C VAL A 62 -3.03 -21.51 -8.81
N LEU A 63 -2.01 -21.07 -8.09
CA LEU A 63 -1.80 -21.49 -6.71
C LEU A 63 -1.62 -20.29 -5.81
N ALA A 64 -1.84 -20.51 -4.51
CA ALA A 64 -1.60 -19.50 -3.51
C ALA A 64 -1.30 -20.20 -2.18
N TYR A 65 -0.62 -19.48 -1.30
CA TYR A 65 -0.30 -20.01 0.03
C TYR A 65 -1.48 -19.77 0.95
N ALA A 66 -2.11 -20.84 1.41
CA ALA A 66 -3.32 -20.72 2.21
C ALA A 66 -3.02 -20.62 3.71
N ASP A 67 -2.15 -21.48 4.23
CA ASP A 67 -1.95 -21.61 5.68
C ASP A 67 -3.33 -21.95 6.27
N TRP A 68 -3.57 -21.63 7.53
CA TRP A 68 -4.91 -21.71 8.06
C TRP A 68 -5.01 -20.81 9.28
N GLU A 69 -6.21 -20.27 9.49
CA GLU A 69 -6.49 -19.42 10.63
C GLU A 69 -6.49 -20.26 11.90
N ALA A 70 -5.50 -20.05 12.78
CA ALA A 70 -5.30 -20.88 13.95
C ALA A 70 -4.89 -19.99 15.13
N ARG A 71 -5.86 -19.25 15.66
CA ARG A 71 -5.58 -18.33 16.76
C ARG A 71 -5.26 -19.04 18.07
N TYR A 72 -5.51 -20.34 18.17
CA TYR A 72 -5.26 -21.08 19.39
C TYR A 72 -3.77 -21.21 19.72
N GLU A 73 -2.89 -20.88 18.78
CA GLU A 73 -1.45 -21.00 19.02
C GLU A 73 -1.01 -20.13 20.19
N ASP A 74 -1.76 -19.06 20.49
CA ASP A 74 -1.45 -18.21 21.63
C ASP A 74 -1.67 -18.91 22.96
N LEU A 75 -2.25 -20.10 22.97
CA LEU A 75 -2.60 -20.81 24.20
C LEU A 75 -1.69 -21.98 24.52
N VAL A 76 -0.80 -22.37 23.62
CA VAL A 76 -0.04 -23.60 23.83
C VAL A 76 1.10 -23.36 24.82
N ASP A 77 1.54 -24.44 25.47
CA ASP A 77 2.64 -24.33 26.42
C ASP A 77 3.96 -24.37 25.67
N ASP A 78 5.06 -24.66 26.36
CA ASP A 78 6.36 -24.62 25.71
C ASP A 78 6.59 -25.82 24.80
N ALA A 79 5.87 -26.92 25.03
CA ALA A 79 5.95 -28.08 24.17
C ALA A 79 5.00 -28.02 23.00
N GLY A 80 4.24 -26.93 22.86
CA GLY A 80 3.28 -26.78 21.78
C GLY A 80 1.95 -27.48 21.96
N ARG A 81 1.57 -27.82 23.17
CA ARG A 81 0.35 -28.57 23.42
C ARG A 81 -0.74 -27.64 23.96
N VAL A 82 -1.98 -27.93 23.59
CA VAL A 82 -3.11 -27.09 24.00
C VAL A 82 -3.55 -27.52 25.39
N PRO A 83 -3.73 -26.58 26.32
CA PRO A 83 -4.14 -26.95 27.68
C PRO A 83 -5.49 -27.65 27.64
N PRO A 84 -5.71 -28.59 28.56
CA PRO A 84 -6.95 -29.40 28.51
C PRO A 84 -8.23 -28.57 28.57
N GLU A 85 -8.24 -27.44 29.28
CA GLU A 85 -9.46 -26.65 29.37
C GLU A 85 -9.84 -26.02 28.05
N TRP A 86 -8.91 -25.96 27.08
CA TRP A 86 -9.17 -25.36 25.79
C TRP A 86 -9.33 -26.37 24.65
N ARG A 87 -8.97 -27.63 24.85
CA ARG A 87 -8.84 -28.60 23.76
C ARG A 87 -10.15 -28.78 22.99
N GLU A 88 -11.25 -28.97 23.72
CA GLU A 88 -12.58 -29.22 23.21
C GLU A 88 -13.12 -28.02 22.44
N HIS A 89 -12.56 -26.82 22.68
CA HIS A 89 -13.04 -25.57 22.10
C HIS A 89 -12.28 -25.13 20.86
N VAL A 90 -11.15 -25.74 20.55
CA VAL A 90 -10.34 -25.34 19.40
C VAL A 90 -10.95 -25.89 18.11
N PRO A 91 -11.31 -25.04 17.17
CA PRO A 91 -11.91 -25.53 15.92
C PRO A 91 -10.91 -26.38 15.15
N PRO A 92 -11.28 -27.63 14.83
CA PRO A 92 -10.36 -28.51 14.12
C PRO A 92 -10.17 -28.07 12.68
N PHE A 93 -9.07 -28.55 12.08
CA PHE A 93 -8.76 -28.21 10.70
C PHE A 93 -9.57 -29.07 9.75
N ASP A 94 -10.21 -28.42 8.78
CA ASP A 94 -10.92 -29.09 7.71
C ASP A 94 -10.39 -28.48 6.42
N PRO A 95 -9.71 -29.26 5.57
CA PRO A 95 -9.13 -28.67 4.35
C PRO A 95 -10.14 -27.97 3.46
N GLN A 96 -11.39 -28.42 3.47
CA GLN A 96 -12.42 -27.86 2.59
C GLN A 96 -13.21 -26.71 3.23
N ARG A 97 -13.05 -26.47 4.53
CA ARG A 97 -13.83 -25.46 5.22
C ARG A 97 -13.04 -24.48 6.07
N SER A 98 -11.85 -24.86 6.53
CA SER A 98 -11.04 -23.94 7.31
C SER A 98 -10.60 -22.78 6.43
N ARG A 99 -10.71 -21.57 6.95
CA ARG A 99 -10.37 -20.38 6.17
C ARG A 99 -8.87 -20.34 5.91
N ALA A 100 -8.50 -19.72 4.80
CA ALA A 100 -7.11 -19.39 4.58
C ALA A 100 -6.73 -18.27 5.54
N ILE A 101 -5.45 -18.21 5.90
CA ILE A 101 -5.00 -17.15 6.78
C ILE A 101 -5.22 -15.80 6.07
N ARG A 102 -5.52 -14.77 6.85
CA ARG A 102 -5.83 -13.47 6.31
C ARG A 102 -4.65 -12.50 6.41
N ASP A 103 -3.56 -12.95 7.03
CA ASP A 103 -2.40 -12.08 7.29
C ASP A 103 -1.83 -11.49 6.00
N ASN A 104 -1.74 -12.28 4.93
CA ASN A 104 -1.07 -11.86 3.71
C ASN A 104 -2.03 -11.37 2.62
N GLY A 105 -3.24 -10.99 2.98
CA GLY A 105 -4.22 -10.52 2.02
C GLY A 105 -5.31 -11.54 1.77
N VAL A 106 -6.35 -11.10 1.05
CA VAL A 106 -7.53 -11.94 0.88
C VAL A 106 -7.49 -12.85 -0.33
N LEU A 107 -6.54 -12.66 -1.25
CA LEU A 107 -6.55 -13.44 -2.48
C LEU A 107 -6.52 -14.94 -2.22
N PRO A 108 -5.67 -15.49 -1.33
CA PRO A 108 -5.73 -16.94 -1.08
C PRO A 108 -7.11 -17.41 -0.63
N GLU A 109 -7.78 -16.67 0.24
CA GLU A 109 -9.12 -17.06 0.67
C GLU A 109 -10.11 -16.98 -0.48
N PHE A 110 -10.01 -15.93 -1.31
CA PHE A 110 -10.87 -15.82 -2.49
C PHE A 110 -10.60 -16.96 -3.46
N LEU A 111 -9.33 -17.31 -3.67
CA LEU A 111 -9.02 -18.46 -4.51
C LEU A 111 -9.55 -19.74 -3.90
N ARG A 112 -9.41 -19.91 -2.59
CA ARG A 112 -9.89 -21.12 -1.93
C ARG A 112 -11.38 -21.31 -2.15
N THR A 113 -12.17 -20.23 -2.13
CA THR A 113 -13.61 -20.31 -2.31
C THR A 113 -14.03 -20.17 -3.78
N THR A 114 -13.08 -20.20 -4.70
CA THR A 114 -13.43 -20.29 -6.11
C THR A 114 -13.79 -21.74 -6.45
N PRO A 115 -14.93 -21.99 -7.10
CA PRO A 115 -15.33 -23.37 -7.38
C PRO A 115 -14.27 -24.12 -8.19
N GLY A 116 -13.93 -25.31 -7.72
CA GLY A 116 -12.92 -26.14 -8.34
C GLY A 116 -11.59 -26.14 -7.61
N THR A 117 -11.34 -25.16 -6.75
CA THR A 117 -10.05 -25.04 -6.08
C THR A 117 -9.90 -26.11 -5.01
N LEU A 118 -8.72 -26.73 -4.97
CA LEU A 118 -8.39 -27.74 -3.97
C LEU A 118 -7.39 -27.18 -2.98
N ARG A 119 -7.39 -27.73 -1.77
CA ARG A 119 -6.59 -27.23 -0.66
C ARG A 119 -5.85 -28.39 0.00
N SER A 120 -4.53 -28.27 0.13
CA SER A 120 -3.72 -29.39 0.59
C SER A 120 -3.89 -29.61 2.10
N GLY A 121 -3.42 -30.77 2.56
CA GLY A 121 -3.78 -31.27 3.87
C GLY A 121 -2.94 -30.84 5.07
N ASN A 122 -1.76 -30.28 4.83
CA ASN A 122 -0.94 -29.75 5.91
C ASN A 122 -1.46 -28.36 6.27
N PRO A 123 -2.11 -28.18 7.44
CA PRO A 123 -2.79 -26.91 7.71
C PRO A 123 -1.89 -25.69 7.61
N GLY A 124 -0.82 -25.64 8.43
CA GLY A 124 0.01 -24.46 8.46
C GLY A 124 0.77 -24.19 7.17
N ALA A 125 1.02 -25.23 6.38
CA ALA A 125 1.75 -25.10 5.12
C ALA A 125 0.86 -25.25 3.89
N SER A 126 -0.46 -25.25 4.06
CA SER A 126 -1.35 -25.64 2.97
C SER A 126 -1.29 -24.65 1.81
N LEU A 127 -1.41 -25.19 0.60
CA LEU A 127 -1.57 -24.39 -0.60
C LEU A 127 -2.94 -24.66 -1.21
N VAL A 128 -3.49 -23.66 -1.88
CA VAL A 128 -4.66 -23.85 -2.73
C VAL A 128 -4.17 -23.91 -4.16
N ALA A 129 -4.85 -24.72 -4.98
CA ALA A 129 -4.49 -24.87 -6.38
C ALA A 129 -5.76 -24.99 -7.20
N LEU A 130 -5.76 -24.36 -8.37
CA LEU A 130 -6.92 -24.34 -9.25
C LEU A 130 -6.44 -24.51 -10.68
N GLY A 131 -6.80 -25.63 -11.31
CA GLY A 131 -6.43 -25.87 -12.69
C GLY A 131 -6.08 -27.33 -12.91
N ALA A 132 -5.38 -27.56 -14.03
CA ALA A 132 -5.19 -28.92 -14.52
C ALA A 132 -4.44 -29.80 -13.53
N LYS A 133 -3.49 -29.23 -12.80
CA LYS A 133 -2.65 -30.02 -11.90
C LYS A 133 -3.01 -29.81 -10.44
N ALA A 134 -4.24 -29.35 -10.17
CA ALA A 134 -4.64 -29.07 -8.78
C ALA A 134 -4.60 -30.33 -7.93
N GLU A 135 -5.13 -31.44 -8.47
CA GLU A 135 -5.13 -32.72 -7.76
C GLU A 135 -3.71 -33.13 -7.38
N TRP A 136 -2.80 -33.09 -8.34
CA TRP A 136 -1.43 -33.54 -8.11
C TRP A 136 -0.73 -32.63 -7.10
N PHE A 137 -0.94 -31.32 -7.20
CA PHE A 137 -0.24 -30.37 -6.33
C PHE A 137 -0.64 -30.53 -4.87
N THR A 138 -1.91 -30.84 -4.61
CA THR A 138 -2.45 -30.84 -3.27
C THR A 138 -2.57 -32.22 -2.63
N ALA A 139 -2.18 -33.28 -3.33
CA ALA A 139 -2.32 -34.62 -2.80
C ALA A 139 -1.19 -34.94 -1.82
N ASP A 140 -1.53 -35.62 -0.72
CA ASP A 140 -0.55 -36.25 0.16
C ASP A 140 0.50 -35.27 0.66
N HIS A 141 0.04 -34.13 1.16
CA HIS A 141 0.94 -33.15 1.75
C HIS A 141 1.45 -33.70 3.07
N PRO A 142 2.74 -34.00 3.21
CA PRO A 142 3.23 -34.58 4.47
C PRO A 142 2.99 -33.63 5.63
N LEU A 143 2.51 -34.19 6.75
CA LEU A 143 2.15 -33.38 7.90
C LEU A 143 3.37 -32.90 8.68
N ASP A 144 4.47 -33.66 8.64
CA ASP A 144 5.73 -33.21 9.20
C ASP A 144 6.61 -32.68 8.08
N TYR A 145 7.32 -31.58 8.37
CA TYR A 145 8.21 -30.94 7.40
C TYR A 145 7.49 -30.70 6.07
N GLY A 146 6.35 -30.02 6.18
CA GLY A 146 5.48 -29.73 5.05
C GLY A 146 6.02 -28.73 4.05
N TYR A 147 7.21 -28.18 4.28
CA TYR A 147 7.89 -27.34 3.31
C TYR A 147 9.03 -28.08 2.62
N GLY A 148 9.12 -29.38 2.81
CA GLY A 148 10.21 -30.17 2.29
C GLY A 148 9.85 -31.14 1.18
N GLU A 149 10.42 -32.34 1.26
CA GLU A 149 10.25 -33.32 0.20
C GLU A 149 8.79 -33.75 0.11
N GLY A 150 8.30 -33.89 -1.13
CA GLY A 150 6.94 -34.32 -1.34
C GLY A 150 5.88 -33.27 -1.08
N SER A 151 6.26 -32.04 -0.81
CA SER A 151 5.34 -30.96 -0.51
C SER A 151 4.88 -30.27 -1.78
N PRO A 152 3.78 -29.51 -1.71
CA PRO A 152 3.36 -28.72 -2.88
C PRO A 152 4.44 -27.78 -3.41
N LEU A 153 5.25 -27.20 -2.51
CA LEU A 153 6.34 -26.35 -2.97
C LEU A 153 7.37 -27.15 -3.77
N ALA A 154 7.69 -28.37 -3.31
CA ALA A 154 8.60 -29.22 -4.06
C ALA A 154 8.03 -29.56 -5.43
N LYS A 155 6.71 -29.78 -5.51
CA LYS A 155 6.10 -30.09 -6.80
C LYS A 155 6.10 -28.89 -7.73
N LEU A 156 6.02 -27.66 -7.18
CA LEU A 156 6.11 -26.48 -8.02
C LEU A 156 7.48 -26.39 -8.69
N VAL A 157 8.54 -26.70 -7.94
CA VAL A 157 9.86 -26.78 -8.54
C VAL A 157 9.91 -27.92 -9.56
N GLU A 158 9.36 -29.08 -9.21
CA GLU A 158 9.40 -30.23 -10.09
C GLU A 158 8.64 -29.97 -11.39
N ALA A 159 7.54 -29.21 -11.31
CA ALA A 159 6.71 -28.93 -12.47
C ALA A 159 7.22 -27.78 -13.33
N GLY A 160 8.35 -27.18 -12.98
CA GLY A 160 8.79 -26.01 -13.71
C GLY A 160 7.90 -24.80 -13.53
N GLY A 161 7.31 -24.64 -12.35
CA GLY A 161 6.39 -23.55 -12.10
C GLY A 161 7.09 -22.21 -11.90
N LYS A 162 6.26 -21.20 -11.63
CA LYS A 162 6.73 -19.83 -11.43
C LYS A 162 6.02 -19.23 -10.22
N VAL A 163 6.63 -18.19 -9.67
CA VAL A 163 6.06 -17.45 -8.55
C VAL A 163 5.91 -16.00 -8.96
N LEU A 164 4.75 -15.41 -8.71
CA LEU A 164 4.46 -14.03 -9.05
C LEU A 164 4.24 -13.24 -7.77
N MET A 165 5.08 -12.24 -7.54
CA MET A 165 4.89 -11.28 -6.45
C MET A 165 4.10 -10.10 -7.04
N LEU A 166 2.79 -10.09 -6.80
CA LEU A 166 1.92 -9.06 -7.38
C LEU A 166 1.80 -7.91 -6.38
N GLY A 167 2.82 -7.07 -6.37
CA GLY A 167 2.87 -5.98 -5.41
C GLY A 167 3.12 -6.40 -3.98
N ALA A 168 3.22 -7.69 -3.71
CA ALA A 168 3.42 -8.18 -2.36
C ALA A 168 4.85 -7.93 -1.89
N PRO A 169 5.06 -7.75 -0.59
CA PRO A 169 6.43 -7.62 -0.08
C PRO A 169 7.25 -8.86 -0.40
N LEU A 170 8.49 -8.64 -0.85
CA LEU A 170 9.30 -9.71 -1.41
C LEU A 170 9.68 -10.77 -0.39
N ASP A 171 9.65 -10.44 0.90
CA ASP A 171 9.97 -11.46 1.91
C ASP A 171 8.81 -12.40 2.21
N THR A 172 7.65 -12.23 1.57
CA THR A 172 6.56 -13.17 1.73
C THR A 172 6.57 -14.29 0.70
N LEU A 173 7.65 -14.43 -0.07
CA LEU A 173 7.76 -15.48 -1.07
C LEU A 173 7.91 -16.83 -0.37
N THR A 174 6.79 -17.54 -0.21
CA THR A 174 6.75 -18.76 0.61
C THR A 174 7.73 -19.82 0.13
N LEU A 175 7.99 -19.87 -1.18
CA LEU A 175 8.83 -20.93 -1.72
C LEU A 175 10.23 -20.92 -1.13
N LEU A 176 10.70 -19.76 -0.64
CA LEU A 176 12.04 -19.71 -0.05
C LEU A 176 12.11 -20.47 1.27
N HIS A 177 10.97 -20.75 1.92
CA HIS A 177 10.99 -21.67 3.06
C HIS A 177 11.40 -23.07 2.62
N HIS A 178 11.04 -23.46 1.39
CA HIS A 178 11.50 -24.75 0.85
C HIS A 178 13.01 -24.73 0.64
N ALA A 179 13.57 -23.60 0.21
CA ALA A 179 15.03 -23.49 0.13
C ALA A 179 15.66 -23.59 1.51
N GLU A 180 15.03 -22.97 2.51
CA GLU A 180 15.49 -23.12 3.89
C GLU A 180 15.51 -24.59 4.29
N HIS A 181 14.45 -25.34 3.96
CA HIS A 181 14.38 -26.75 4.30
C HIS A 181 15.52 -27.54 3.65
N LEU A 182 15.83 -27.23 2.39
CA LEU A 182 16.85 -27.99 1.65
C LEU A 182 18.27 -27.60 2.03
N ALA A 183 18.47 -26.44 2.65
CA ALA A 183 19.82 -25.94 2.89
C ALA A 183 20.57 -26.84 3.88
N ASP A 184 21.77 -27.27 3.48
CA ASP A 184 22.62 -28.09 4.34
C ASP A 184 23.44 -27.16 5.22
N ILE A 185 22.80 -26.70 6.30
CA ILE A 185 23.42 -25.77 7.25
C ILE A 185 23.12 -26.22 8.67
N PRO A 186 23.97 -25.83 9.62
CA PRO A 186 23.73 -26.19 11.03
C PRO A 186 22.92 -25.12 11.76
N GLY A 187 22.34 -25.54 12.88
CA GLY A 187 21.61 -24.63 13.75
C GLY A 187 20.22 -24.28 13.28
N LYS A 188 19.60 -25.13 12.48
CA LYS A 188 18.25 -24.86 11.99
C LYS A 188 17.23 -24.93 13.12
N ARG A 189 16.44 -23.87 13.27
CA ARG A 189 15.40 -23.84 14.28
C ARG A 189 14.21 -24.69 13.85
N ILE A 190 13.58 -25.34 14.82
CA ILE A 190 12.49 -26.27 14.56
C ILE A 190 11.28 -25.87 15.41
N LYS A 191 10.10 -26.02 14.85
CA LYS A 191 8.84 -25.73 15.52
C LYS A 191 8.05 -27.00 15.75
N ARG A 192 7.46 -27.12 16.95
CA ARG A 192 6.59 -28.24 17.30
C ARG A 192 5.29 -27.68 17.87
N ILE A 193 4.16 -28.11 17.32
CA ILE A 193 2.87 -27.62 17.79
C ILE A 193 1.80 -28.68 17.55
N GLU A 194 0.88 -28.78 18.51
CA GLU A 194 -0.23 -29.73 18.40
C GLU A 194 -1.32 -29.16 17.51
N VAL A 195 -1.83 -30.00 16.61
CA VAL A 195 -2.81 -29.56 15.62
C VAL A 195 -4.05 -30.43 15.67
N PRO A 196 -5.25 -29.84 15.76
CA PRO A 196 -6.48 -30.64 15.73
C PRO A 196 -6.99 -30.83 14.30
N PHE A 197 -7.28 -32.08 13.93
CA PHE A 197 -7.78 -32.41 12.61
C PHE A 197 -9.23 -32.90 12.71
N ALA A 198 -10.07 -32.45 11.79
CA ALA A 198 -11.43 -32.95 11.67
C ALA A 198 -11.44 -34.28 10.91
N THR A 199 -12.04 -35.30 11.52
CA THR A 199 -12.14 -36.61 10.91
C THR A 199 -13.58 -37.10 10.97
N PRO A 200 -13.94 -38.11 10.17
CA PRO A 200 -15.27 -38.71 10.30
C PRO A 200 -15.48 -39.39 11.64
N THR A 201 -14.41 -39.57 12.43
CA THR A 201 -14.46 -40.19 13.74
C THR A 201 -14.52 -39.16 14.87
N GLY A 202 -14.22 -37.90 14.59
CA GLY A 202 -14.17 -36.82 15.55
C GLY A 202 -12.84 -36.10 15.42
N THR A 203 -12.57 -35.22 16.38
CA THR A 203 -11.31 -34.48 16.34
C THR A 203 -10.15 -35.39 16.73
N GLN A 204 -9.11 -35.42 15.89
CA GLN A 204 -7.91 -36.19 16.17
C GLN A 204 -6.74 -35.22 16.26
N TRP A 205 -6.06 -35.21 17.41
CA TRP A 205 -4.94 -34.33 17.64
C TRP A 205 -3.63 -35.00 17.20
N ARG A 206 -2.75 -34.20 16.61
CA ARG A 206 -1.47 -34.71 16.14
C ARG A 206 -0.39 -33.65 16.37
N MET A 207 0.78 -34.10 16.81
CA MET A 207 1.92 -33.21 16.93
C MET A 207 2.58 -33.04 15.56
N ILE A 208 2.83 -31.79 15.19
CA ILE A 208 3.46 -31.44 13.92
C ILE A 208 4.85 -30.93 14.21
N GLU A 209 5.84 -31.42 13.47
CA GLU A 209 7.20 -30.92 13.55
C GLU A 209 7.63 -30.41 12.18
N GLU A 210 8.33 -29.28 12.18
CA GLU A 210 8.86 -28.71 10.96
C GLU A 210 9.96 -27.73 11.32
N PHE A 211 10.73 -27.33 10.30
CA PHE A 211 11.59 -26.17 10.50
C PHE A 211 10.73 -24.94 10.69
N ASP A 212 11.10 -24.12 11.67
CA ASP A 212 10.31 -22.94 12.00
C ASP A 212 10.34 -21.94 10.85
N THR A 213 9.16 -21.59 10.33
CA THR A 213 9.04 -20.57 9.30
C THR A 213 8.55 -19.23 9.83
N GLY A 214 8.26 -19.14 11.14
CA GLY A 214 7.88 -17.86 11.71
C GLY A 214 9.03 -16.91 11.90
N ASP A 215 10.26 -17.40 11.83
CA ASP A 215 11.47 -16.60 11.92
C ASP A 215 12.48 -17.21 10.95
N PRO A 216 13.59 -16.52 10.65
CA PRO A 216 14.60 -17.13 9.77
C PRO A 216 15.08 -18.47 10.29
N ILE A 217 15.47 -19.35 9.36
CA ILE A 217 15.76 -20.73 9.71
C ILE A 217 16.94 -20.83 10.68
N VAL A 218 17.87 -19.87 10.65
CA VAL A 218 18.98 -19.82 11.59
C VAL A 218 19.04 -18.43 12.20
N ALA A 219 19.69 -18.35 13.37
CA ALA A 219 19.82 -17.08 14.07
C ALA A 219 20.86 -16.18 13.40
N GLY A 220 20.72 -14.89 13.62
CA GLY A 220 21.59 -13.88 13.05
C GLY A 220 21.14 -13.29 11.74
N LEU A 221 19.94 -13.64 11.27
CA LEU A 221 19.41 -13.16 10.00
C LEU A 221 18.28 -12.18 10.29
N ALA A 222 18.23 -11.09 9.50
CA ALA A 222 17.12 -10.15 9.60
C ALA A 222 15.81 -10.87 9.31
N GLU A 223 14.71 -10.40 9.91
CA GLU A 223 13.44 -11.08 9.65
C GLU A 223 13.19 -11.19 8.17
N ASP A 224 13.53 -10.10 7.48
CA ASP A 224 13.12 -9.86 6.10
C ASP A 224 14.21 -10.23 5.12
N TYR A 225 15.08 -11.16 5.51
CA TYR A 225 16.23 -11.47 4.66
C TYR A 225 15.81 -12.14 3.36
N PHE A 226 14.61 -12.71 3.29
CA PHE A 226 14.11 -13.25 2.02
C PHE A 226 14.12 -12.16 0.95
N ALA A 227 13.78 -10.92 1.33
CA ALA A 227 13.74 -9.83 0.36
C ALA A 227 15.11 -9.56 -0.24
N GLY A 228 16.16 -9.66 0.58
CA GLY A 228 17.51 -9.47 0.07
C GLY A 228 17.90 -10.54 -0.93
N ILE A 229 17.47 -11.79 -0.69
CA ILE A 229 17.76 -12.87 -1.63
C ILE A 229 17.08 -12.62 -2.97
N VAL A 230 15.81 -12.21 -2.94
CA VAL A 230 15.10 -11.93 -4.19
C VAL A 230 15.75 -10.76 -4.91
N THR A 231 16.15 -9.73 -4.16
CA THR A 231 16.80 -8.57 -4.75
C THR A 231 18.12 -8.96 -5.42
N GLU A 232 18.92 -9.77 -4.73
CA GLU A 232 20.17 -10.25 -5.35
C GLU A 232 19.89 -11.11 -6.56
N PHE A 233 18.82 -11.91 -6.51
CA PHE A 233 18.43 -12.75 -7.64
C PHE A 233 18.17 -11.90 -8.87
N LEU A 234 17.38 -10.84 -8.72
CA LEU A 234 17.12 -9.93 -9.82
C LEU A 234 18.39 -9.19 -10.26
N ALA A 235 19.21 -8.76 -9.30
CA ALA A 235 20.42 -8.01 -9.66
C ALA A 235 21.38 -8.85 -10.48
N SER A 236 21.32 -10.18 -10.32
CA SER A 236 22.16 -11.09 -11.10
C SER A 236 21.66 -11.32 -12.51
N GLY A 237 20.55 -10.70 -12.91
CA GLY A 237 20.02 -10.86 -14.25
C GLY A 237 18.97 -11.94 -14.40
N GLN A 238 18.47 -12.51 -13.30
CA GLN A 238 17.43 -13.53 -13.35
C GLN A 238 16.10 -12.94 -12.90
N GLY A 239 15.01 -13.54 -13.37
CA GLY A 239 13.69 -13.06 -13.06
C GLY A 239 13.35 -11.80 -13.85
N ARG A 240 12.07 -11.46 -13.82
CA ARG A 240 11.55 -10.31 -14.55
C ARG A 240 10.77 -9.43 -13.61
N GLN A 241 10.75 -8.13 -13.92
CA GLN A 241 9.96 -7.14 -13.21
C GLN A 241 9.05 -6.45 -14.19
N GLY A 242 7.93 -5.94 -13.69
CA GLY A 242 6.97 -5.26 -14.54
C GLY A 242 5.73 -4.92 -13.78
N LEU A 243 4.88 -4.14 -14.43
CA LEU A 243 3.64 -3.66 -13.82
C LEU A 243 2.49 -4.61 -14.16
N ILE A 244 1.75 -5.00 -13.13
CA ILE A 244 0.46 -5.67 -13.30
C ILE A 244 -0.59 -4.70 -12.79
N GLY A 245 -1.38 -4.13 -13.70
CA GLY A 245 -2.19 -2.99 -13.33
C GLY A 245 -1.26 -1.87 -12.88
N ALA A 246 -1.51 -1.37 -11.66
CA ALA A 246 -0.65 -0.35 -11.05
C ALA A 246 0.34 -0.94 -10.06
N ALA A 247 0.49 -2.27 -10.02
CA ALA A 247 1.29 -2.89 -8.98
C ALA A 247 2.65 -3.30 -9.52
N PRO A 248 3.75 -2.79 -8.97
CA PRO A 248 5.07 -3.31 -9.35
C PRO A 248 5.17 -4.78 -8.96
N SER A 249 5.53 -5.61 -9.94
CA SER A 249 5.46 -7.06 -9.76
C SER A 249 6.77 -7.71 -10.17
N VAL A 250 6.99 -8.91 -9.63
CA VAL A 250 8.19 -9.70 -9.87
C VAL A 250 7.75 -11.11 -10.23
N LEU A 251 8.32 -11.67 -11.30
CA LEU A 251 8.02 -13.02 -11.75
C LEU A 251 9.32 -13.81 -11.82
N VAL A 252 9.40 -14.90 -11.06
CA VAL A 252 10.62 -15.68 -10.98
C VAL A 252 10.31 -17.14 -11.29
N ASP A 253 11.32 -17.84 -11.81
CA ASP A 253 11.26 -19.27 -12.02
C ASP A 253 11.40 -19.99 -10.67
N ALA A 254 10.46 -20.90 -10.38
CA ALA A 254 10.43 -21.55 -9.07
C ALA A 254 11.68 -22.37 -8.81
N ALA A 255 12.12 -23.15 -9.81
CA ALA A 255 13.34 -23.95 -9.62
C ALA A 255 14.56 -23.06 -9.47
N ALA A 256 14.64 -21.97 -10.24
CA ALA A 256 15.83 -21.13 -10.21
C ALA A 256 15.93 -20.37 -8.89
N ILE A 257 14.82 -19.82 -8.39
CA ILE A 257 14.90 -19.07 -7.14
C ILE A 257 15.17 -20.01 -5.96
N THR A 258 14.65 -21.25 -6.02
CA THR A 258 14.93 -22.20 -4.96
C THR A 258 16.42 -22.54 -4.90
N ALA A 259 17.01 -22.91 -6.05
CA ALA A 259 18.43 -23.22 -6.09
C ALA A 259 19.26 -22.01 -5.66
N PHE A 260 18.88 -20.82 -6.11
CA PHE A 260 19.60 -19.61 -5.71
C PHE A 260 19.53 -19.41 -4.20
N GLY A 261 18.37 -19.66 -3.60
CA GLY A 261 18.24 -19.50 -2.16
C GLY A 261 19.03 -20.53 -1.38
N VAL A 262 19.05 -21.78 -1.85
CA VAL A 262 19.82 -22.83 -1.20
C VAL A 262 21.30 -22.46 -1.22
N THR A 263 21.80 -21.99 -2.37
CA THR A 263 23.20 -21.60 -2.48
C THR A 263 23.52 -20.42 -1.57
N TRP A 264 22.60 -19.45 -1.51
CA TRP A 264 22.79 -18.29 -0.65
C TRP A 264 22.99 -18.69 0.80
N LEU A 265 22.20 -19.65 1.28
CA LEU A 265 22.28 -20.06 2.69
C LEU A 265 23.51 -20.93 2.94
N GLU A 266 23.81 -21.84 2.02
CA GLU A 266 24.94 -22.73 2.22
C GLU A 266 26.28 -22.01 2.11
N LYS A 267 26.33 -20.84 1.46
CA LYS A 267 27.59 -20.11 1.40
C LYS A 267 27.82 -19.27 2.66
N ARG A 268 26.75 -18.80 3.30
CA ARG A 268 26.89 -17.97 4.49
C ARG A 268 26.91 -18.78 5.77
N PHE A 269 26.30 -19.96 5.75
CA PHE A 269 26.28 -20.87 6.89
C PHE A 269 26.65 -22.26 6.39
N GLY A 270 27.14 -23.10 7.29
CA GLY A 270 27.48 -24.44 6.87
C GLY A 270 28.65 -24.47 5.88
N THR A 271 28.86 -25.66 5.31
CA THR A 271 29.95 -25.88 4.37
C THR A 271 29.50 -26.79 3.23
N SER B 7 -10.32 -14.04 27.56
CA SER B 7 -9.38 -13.61 26.54
C SER B 7 -9.76 -14.16 25.16
N PHE B 8 -10.72 -15.09 25.12
CA PHE B 8 -11.15 -15.70 23.87
C PHE B 8 -12.64 -16.05 23.99
N ALA B 9 -13.46 -15.37 23.21
CA ALA B 9 -14.86 -15.77 23.04
C ALA B 9 -14.92 -16.98 22.12
N THR B 10 -15.76 -17.95 22.48
CA THR B 10 -15.91 -19.19 21.73
C THR B 10 -17.33 -19.31 21.19
N ARG B 11 -17.54 -20.33 20.35
CA ARG B 11 -18.90 -20.64 19.92
C ARG B 11 -19.78 -20.98 21.11
N THR B 12 -19.20 -21.55 22.17
CA THR B 12 -19.97 -21.88 23.36
C THR B 12 -20.38 -20.64 24.13
N SER B 13 -19.45 -19.71 24.35
CA SER B 13 -19.77 -18.53 25.14
C SER B 13 -20.71 -17.60 24.37
N LEU B 14 -20.52 -17.47 23.06
CA LEU B 14 -21.43 -16.65 22.26
C LEU B 14 -22.83 -17.25 22.22
N ALA B 15 -22.92 -18.58 22.09
CA ALA B 15 -24.22 -19.24 22.08
C ALA B 15 -24.95 -19.03 23.41
N ALA B 16 -24.21 -19.00 24.51
CA ALA B 16 -24.83 -18.70 25.80
C ALA B 16 -25.35 -17.26 25.84
N ASP B 17 -24.56 -16.31 25.32
CA ASP B 17 -25.00 -14.93 25.27
C ASP B 17 -26.20 -14.74 24.35
N LEU B 18 -26.21 -15.45 23.22
CA LEU B 18 -27.32 -15.32 22.29
C LEU B 18 -28.61 -15.85 22.89
N ALA B 19 -28.55 -16.98 23.59
CA ALA B 19 -29.74 -17.50 24.25
C ALA B 19 -30.22 -16.54 25.34
N ALA B 20 -29.29 -15.98 26.09
CA ALA B 20 -29.66 -15.03 27.14
C ALA B 20 -30.35 -13.80 26.56
N LEU B 21 -29.97 -13.39 25.34
CA LEU B 21 -30.61 -12.25 24.70
C LEU B 21 -32.01 -12.58 24.19
N GLY B 22 -32.32 -13.85 23.94
CA GLY B 22 -33.66 -14.23 23.55
C GLY B 22 -33.76 -15.08 22.29
N LEU B 23 -32.63 -15.35 21.65
CA LEU B 23 -32.62 -16.20 20.46
C LEU B 23 -33.06 -17.62 20.81
N ALA B 24 -34.00 -18.16 20.04
CA ALA B 24 -34.69 -19.36 20.45
C ALA B 24 -34.49 -20.50 19.46
N TRP B 25 -34.66 -21.72 19.98
CA TRP B 25 -34.59 -22.95 19.19
C TRP B 25 -35.60 -22.90 18.05
N GLY B 26 -35.11 -23.08 16.82
CA GLY B 26 -35.97 -23.08 15.65
C GLY B 26 -36.17 -21.73 14.99
N ASP B 27 -35.57 -20.67 15.52
CA ASP B 27 -35.75 -19.35 14.93
C ASP B 27 -35.05 -19.23 13.57
N ALA B 28 -35.60 -18.35 12.73
CA ALA B 28 -34.91 -17.83 11.57
C ALA B 28 -34.33 -16.47 11.96
N ILE B 29 -33.01 -16.35 11.98
CA ILE B 29 -32.35 -15.18 12.54
C ILE B 29 -31.49 -14.53 11.46
N MET B 30 -31.74 -13.25 11.20
CA MET B 30 -30.93 -12.45 10.29
C MET B 30 -29.99 -11.59 11.12
N VAL B 31 -28.70 -11.63 10.79
CA VAL B 31 -27.67 -11.04 11.64
C VAL B 31 -26.97 -9.93 10.88
N HIS B 32 -26.78 -8.80 11.54
CA HIS B 32 -25.88 -7.73 11.11
C HIS B 32 -24.80 -7.62 12.17
N ALA B 33 -23.55 -7.90 11.78
CA ALA B 33 -22.46 -8.05 12.74
C ALA B 33 -21.38 -7.01 12.50
N ALA B 34 -20.89 -6.43 13.58
CA ALA B 34 -19.64 -5.66 13.59
C ALA B 34 -18.62 -6.55 14.28
N VAL B 35 -17.92 -7.35 13.47
CA VAL B 35 -17.13 -8.46 14.00
C VAL B 35 -16.11 -7.98 15.02
N SER B 36 -15.48 -6.82 14.75
CA SER B 36 -14.43 -6.33 15.64
C SER B 36 -14.96 -5.99 17.03
N ARG B 37 -16.23 -5.62 17.14
CA ARG B 37 -16.77 -5.25 18.45
C ARG B 37 -17.06 -6.45 19.33
N VAL B 38 -17.15 -7.66 18.76
CA VAL B 38 -17.39 -8.86 19.55
C VAL B 38 -16.20 -9.22 20.43
N GLY B 39 -15.00 -8.78 20.07
CA GLY B 39 -13.80 -9.14 20.80
C GLY B 39 -12.99 -10.19 20.09
N ARG B 40 -12.10 -10.84 20.85
CA ARG B 40 -11.24 -11.88 20.31
C ARG B 40 -12.03 -13.18 20.18
N LEU B 41 -12.09 -13.70 18.96
CA LEU B 41 -12.86 -14.90 18.66
C LEU B 41 -11.91 -16.04 18.31
N LEU B 42 -12.20 -17.22 18.85
CA LEU B 42 -11.31 -18.36 18.63
C LEU B 42 -11.33 -18.83 17.18
N ASP B 43 -12.48 -18.69 16.51
CA ASP B 43 -12.65 -19.14 15.13
C ASP B 43 -12.91 -17.98 14.18
N GLY B 44 -12.56 -16.76 14.60
CA GLY B 44 -12.78 -15.59 13.78
C GLY B 44 -14.26 -15.35 13.54
N PRO B 45 -14.60 -14.76 12.39
CA PRO B 45 -16.01 -14.50 12.10
C PRO B 45 -16.86 -15.76 12.09
N ASP B 46 -16.27 -16.93 11.80
CA ASP B 46 -17.01 -18.18 11.80
C ASP B 46 -17.48 -18.58 13.19
N THR B 47 -16.85 -18.04 14.25
CA THR B 47 -17.37 -18.25 15.60
C THR B 47 -18.80 -17.77 15.70
N ILE B 48 -19.09 -16.59 15.15
CA ILE B 48 -20.42 -16.02 15.22
C ILE B 48 -21.42 -16.91 14.48
N ILE B 49 -21.07 -17.32 13.26
CA ILE B 49 -21.97 -18.16 12.47
C ILE B 49 -22.26 -19.46 13.19
N ALA B 50 -21.21 -20.10 13.72
CA ALA B 50 -21.40 -21.36 14.44
C ALA B 50 -22.25 -21.17 15.70
N ALA B 51 -22.00 -20.09 16.44
CA ALA B 51 -22.79 -19.83 17.64
C ALA B 51 -24.26 -19.61 17.30
N LEU B 52 -24.56 -18.92 16.20
CA LEU B 52 -25.95 -18.72 15.82
C LEU B 52 -26.62 -20.04 15.47
N ARG B 53 -25.90 -20.92 14.75
N ARG B 53 -25.90 -20.92 14.77
CA ARG B 53 -26.46 -22.22 14.39
CA ARG B 53 -26.48 -22.22 14.39
C ARG B 53 -26.70 -23.08 15.62
C ARG B 53 -26.69 -23.11 15.61
N ASP B 54 -25.79 -23.04 16.59
CA ASP B 54 -25.94 -23.84 17.80
C ASP B 54 -27.15 -23.38 18.62
N THR B 55 -27.42 -22.07 18.62
CA THR B 55 -28.48 -21.52 19.45
C THR B 55 -29.87 -21.75 18.85
N VAL B 56 -30.01 -21.65 17.52
CA VAL B 56 -31.29 -21.92 16.88
C VAL B 56 -31.49 -23.40 16.58
N GLY B 57 -30.42 -24.20 16.57
CA GLY B 57 -30.54 -25.63 16.32
C GLY B 57 -30.73 -25.92 14.85
N PRO B 58 -30.73 -27.22 14.50
CA PRO B 58 -30.86 -27.59 13.08
C PRO B 58 -32.18 -27.19 12.45
N GLY B 59 -33.21 -26.93 13.25
CA GLY B 59 -34.44 -26.44 12.69
C GLY B 59 -34.44 -24.96 12.36
N GLY B 60 -33.43 -24.22 12.83
CA GLY B 60 -33.36 -22.79 12.59
C GLY B 60 -32.62 -22.45 11.30
N THR B 61 -32.59 -21.15 11.02
CA THR B 61 -31.96 -20.64 9.81
C THR B 61 -31.23 -19.35 10.13
N VAL B 62 -30.01 -19.22 9.60
CA VAL B 62 -29.19 -18.03 9.77
C VAL B 62 -29.11 -17.29 8.45
N LEU B 63 -29.41 -15.99 8.47
CA LEU B 63 -29.47 -15.18 7.26
C LEU B 63 -28.58 -13.95 7.42
N ALA B 64 -28.22 -13.36 6.28
CA ALA B 64 -27.48 -12.11 6.26
C ALA B 64 -27.77 -11.38 4.95
N TYR B 65 -27.58 -10.06 4.98
CA TYR B 65 -27.76 -9.23 3.79
C TYR B 65 -26.49 -9.32 2.96
N ALA B 66 -26.58 -9.92 1.78
CA ALA B 66 -25.41 -10.16 0.93
C ALA B 66 -25.13 -9.00 -0.02
N ASP B 67 -26.15 -8.51 -0.71
CA ASP B 67 -25.97 -7.53 -1.79
C ASP B 67 -25.02 -8.18 -2.81
N TRP B 68 -24.27 -7.39 -3.56
CA TRP B 68 -23.20 -7.97 -4.36
C TRP B 68 -22.20 -6.88 -4.68
N GLU B 69 -20.95 -7.29 -4.73
CA GLU B 69 -19.87 -6.38 -5.02
C GLU B 69 -19.83 -6.17 -6.53
N ALA B 70 -20.27 -4.98 -6.99
CA ALA B 70 -20.53 -4.69 -8.42
C ALA B 70 -20.02 -3.28 -8.74
N ARG B 71 -18.74 -3.18 -9.12
CA ARG B 71 -18.14 -1.88 -8.78
C ARG B 71 -18.53 -0.91 -9.90
N TYR B 72 -19.17 -1.45 -10.97
CA TYR B 72 -19.47 -0.81 -12.27
C TYR B 72 -20.49 0.32 -12.22
N GLU B 73 -21.21 0.51 -11.11
CA GLU B 73 -22.25 1.55 -11.08
C GLU B 73 -21.68 2.94 -11.31
N ASP B 74 -20.39 3.15 -11.10
CA ASP B 74 -19.78 4.44 -11.40
C ASP B 74 -19.76 4.78 -12.89
N LEU B 75 -20.17 3.84 -13.76
CA LEU B 75 -20.06 4.00 -15.20
C LEU B 75 -21.37 4.23 -15.95
N VAL B 76 -22.53 4.11 -15.29
CA VAL B 76 -23.80 4.11 -16.02
C VAL B 76 -24.19 5.52 -16.45
N ASP B 77 -24.99 5.59 -17.51
CA ASP B 77 -25.46 6.84 -18.10
C ASP B 77 -26.70 7.37 -17.37
N ASP B 78 -27.48 8.20 -18.08
CA ASP B 78 -28.64 8.88 -17.51
C ASP B 78 -29.82 7.93 -17.33
N ALA B 79 -29.92 6.88 -18.14
CA ALA B 79 -30.96 5.89 -18.00
C ALA B 79 -30.56 4.73 -17.10
N GLY B 80 -29.36 4.77 -16.53
CA GLY B 80 -28.87 3.65 -15.74
C GLY B 80 -28.28 2.52 -16.56
N ARG B 81 -27.92 2.78 -17.80
CA ARG B 81 -27.41 1.76 -18.71
C ARG B 81 -25.90 1.88 -18.87
N VAL B 82 -25.26 0.74 -19.08
CA VAL B 82 -23.79 0.68 -19.18
C VAL B 82 -23.37 1.05 -20.60
N PRO B 83 -22.41 1.95 -20.76
CA PRO B 83 -21.99 2.33 -22.11
C PRO B 83 -21.48 1.13 -22.87
N PRO B 84 -21.68 1.09 -24.19
CA PRO B 84 -21.30 -0.11 -24.96
C PRO B 84 -19.83 -0.50 -24.84
N GLU B 85 -18.92 0.46 -24.68
CA GLU B 85 -17.50 0.11 -24.61
C GLU B 85 -17.16 -0.65 -23.32
N TRP B 86 -18.03 -0.59 -22.31
CA TRP B 86 -17.79 -1.25 -21.04
C TRP B 86 -18.61 -2.51 -20.84
N ARG B 87 -19.65 -2.72 -21.66
CA ARG B 87 -20.59 -3.80 -21.37
C ARG B 87 -19.91 -5.14 -21.24
N GLU B 88 -19.04 -5.47 -22.19
CA GLU B 88 -18.54 -6.83 -22.01
C GLU B 88 -17.46 -6.99 -20.96
N HIS B 89 -17.02 -5.91 -20.35
CA HIS B 89 -16.01 -6.01 -19.33
C HIS B 89 -16.62 -6.10 -17.93
N VAL B 90 -17.93 -5.88 -17.79
CA VAL B 90 -18.59 -5.93 -16.47
C VAL B 90 -18.87 -7.38 -16.08
N PRO B 91 -18.33 -7.86 -14.96
CA PRO B 91 -18.58 -9.25 -14.53
C PRO B 91 -20.05 -9.46 -14.21
N PRO B 92 -20.70 -10.44 -14.84
CA PRO B 92 -22.14 -10.65 -14.61
C PRO B 92 -22.40 -11.21 -13.23
N PHE B 93 -23.65 -11.08 -12.81
CA PHE B 93 -24.05 -11.60 -11.52
C PHE B 93 -24.29 -13.10 -11.61
N ASP B 94 -23.67 -13.84 -10.70
CA ASP B 94 -23.89 -15.28 -10.55
C ASP B 94 -24.22 -15.48 -9.08
N PRO B 95 -25.43 -15.94 -8.74
CA PRO B 95 -25.79 -16.08 -7.32
C PRO B 95 -24.84 -16.98 -6.53
N GLN B 96 -24.22 -17.95 -7.19
CA GLN B 96 -23.33 -18.87 -6.49
C GLN B 96 -21.87 -18.42 -6.49
N ARG B 97 -21.49 -17.40 -7.26
CA ARG B 97 -20.08 -17.04 -7.35
C ARG B 97 -19.80 -15.57 -7.07
N SER B 98 -20.77 -14.69 -7.29
CA SER B 98 -20.56 -13.28 -7.01
C SER B 98 -20.40 -13.06 -5.52
N ARG B 99 -19.38 -12.29 -5.14
CA ARG B 99 -19.12 -12.06 -3.73
C ARG B 99 -20.16 -11.15 -3.10
N ALA B 100 -20.36 -11.32 -1.80
CA ALA B 100 -21.15 -10.39 -1.01
C ALA B 100 -20.40 -9.06 -0.90
N ILE B 101 -21.14 -7.96 -0.73
CA ILE B 101 -20.49 -6.66 -0.59
C ILE B 101 -19.66 -6.54 0.71
N ARG B 102 -18.58 -5.75 0.67
CA ARG B 102 -17.87 -5.44 1.90
C ARG B 102 -18.36 -4.27 2.76
N ASP B 103 -19.34 -3.52 2.33
CA ASP B 103 -19.59 -2.26 3.05
C ASP B 103 -19.89 -2.48 4.54
N ASN B 104 -20.67 -3.50 4.87
CA ASN B 104 -21.12 -3.71 6.23
C ASN B 104 -20.42 -4.87 6.93
N GLY B 105 -19.19 -5.19 6.53
CA GLY B 105 -18.41 -6.20 7.23
C GLY B 105 -18.24 -7.47 6.42
N VAL B 106 -17.40 -8.36 6.96
CA VAL B 106 -17.02 -9.56 6.22
C VAL B 106 -17.93 -10.75 6.52
N LEU B 107 -18.77 -10.69 7.56
CA LEU B 107 -19.59 -11.85 7.91
C LEU B 107 -20.52 -12.30 6.78
N PRO B 108 -21.22 -11.42 6.05
CA PRO B 108 -22.09 -11.92 4.96
C PRO B 108 -21.34 -12.76 3.93
N GLU B 109 -20.13 -12.35 3.56
CA GLU B 109 -19.33 -13.16 2.63
C GLU B 109 -18.91 -14.48 3.25
N PHE B 110 -18.54 -14.46 4.54
CA PHE B 110 -18.18 -15.68 5.23
C PHE B 110 -19.36 -16.65 5.31
N LEU B 111 -20.56 -16.12 5.58
CA LEU B 111 -21.74 -16.96 5.57
C LEU B 111 -22.00 -17.52 4.18
N ARG B 112 -21.84 -16.68 3.14
CA ARG B 112 -22.07 -17.13 1.78
C ARG B 112 -21.17 -18.30 1.41
N THR B 113 -19.92 -18.27 1.85
CA THR B 113 -18.97 -19.33 1.52
C THR B 113 -18.97 -20.47 2.52
N THR B 114 -19.92 -20.50 3.47
CA THR B 114 -20.10 -21.66 4.32
C THR B 114 -20.85 -22.72 3.55
N PRO B 115 -20.39 -23.97 3.54
CA PRO B 115 -21.07 -25.02 2.76
C PRO B 115 -22.52 -25.19 3.18
N GLY B 116 -23.40 -25.23 2.18
CA GLY B 116 -24.82 -25.33 2.40
C GLY B 116 -25.56 -24.01 2.23
N THR B 117 -24.85 -22.90 2.28
CA THR B 117 -25.49 -21.60 2.21
C THR B 117 -26.00 -21.32 0.81
N LEU B 118 -27.22 -20.80 0.73
CA LEU B 118 -27.84 -20.43 -0.53
C LEU B 118 -27.97 -18.91 -0.61
N ARG B 119 -28.02 -18.40 -1.84
CA ARG B 119 -27.97 -16.97 -2.10
C ARG B 119 -29.06 -16.61 -3.10
N SER B 120 -29.90 -15.63 -2.74
CA SER B 120 -31.08 -15.33 -3.53
C SER B 120 -30.70 -14.59 -4.83
N GLY B 121 -31.66 -14.51 -5.74
CA GLY B 121 -31.39 -14.15 -7.12
C GLY B 121 -31.38 -12.68 -7.48
N ASN B 122 -31.93 -11.81 -6.62
CA ASN B 122 -31.88 -10.37 -6.86
C ASN B 122 -30.54 -9.84 -6.36
N PRO B 123 -29.65 -9.40 -7.26
CA PRO B 123 -28.26 -9.09 -6.85
C PRO B 123 -28.16 -8.06 -5.74
N GLY B 124 -28.69 -6.85 -5.98
CA GLY B 124 -28.52 -5.77 -5.02
C GLY B 124 -29.23 -6.01 -3.70
N ALA B 125 -30.28 -6.83 -3.71
CA ALA B 125 -31.06 -7.13 -2.52
C ALA B 125 -30.81 -8.53 -1.99
N SER B 126 -29.79 -9.23 -2.50
CA SER B 126 -29.69 -10.65 -2.22
C SER B 126 -29.44 -10.91 -0.73
N LEU B 127 -30.04 -11.99 -0.25
CA LEU B 127 -29.77 -12.52 1.08
C LEU B 127 -29.13 -13.88 0.94
N VAL B 128 -28.28 -14.23 1.91
CA VAL B 128 -27.76 -15.58 2.07
C VAL B 128 -28.54 -16.23 3.21
N ALA B 129 -28.79 -17.54 3.08
CA ALA B 129 -29.50 -18.29 4.10
C ALA B 129 -28.85 -19.64 4.29
N LEU B 130 -28.76 -20.09 5.54
CA LEU B 130 -28.12 -21.36 5.88
C LEU B 130 -28.96 -22.03 6.97
N GLY B 131 -29.56 -23.17 6.65
CA GLY B 131 -30.33 -23.91 7.62
C GLY B 131 -31.58 -24.51 7.00
N ALA B 132 -32.53 -24.83 7.88
CA ALA B 132 -33.67 -25.66 7.50
C ALA B 132 -34.52 -25.02 6.41
N LYS B 133 -34.65 -23.69 6.42
CA LYS B 133 -35.52 -22.99 5.48
C LYS B 133 -34.74 -22.20 4.42
N ALA B 134 -33.49 -22.62 4.12
CA ALA B 134 -32.65 -21.85 3.20
C ALA B 134 -33.24 -21.77 1.78
N GLU B 135 -33.71 -22.92 1.25
CA GLU B 135 -34.48 -23.07 0.00
C GLU B 135 -35.39 -21.88 -0.18
N TRP B 136 -36.37 -21.89 0.72
CA TRP B 136 -37.54 -21.05 0.64
C TRP B 136 -37.18 -19.59 0.82
N PHE B 137 -36.24 -19.29 1.73
CA PHE B 137 -35.89 -17.90 1.97
C PHE B 137 -35.24 -17.27 0.76
N THR B 138 -34.48 -18.04 -0.02
CA THR B 138 -33.72 -17.50 -1.14
C THR B 138 -34.38 -17.73 -2.49
N ALA B 139 -35.55 -18.38 -2.51
CA ALA B 139 -36.19 -18.75 -3.76
C ALA B 139 -37.00 -17.60 -4.35
N ASP B 140 -36.94 -17.48 -5.68
CA ASP B 140 -37.85 -16.62 -6.46
C ASP B 140 -37.83 -15.18 -5.96
N HIS B 141 -36.63 -14.64 -5.79
CA HIS B 141 -36.49 -13.26 -5.39
C HIS B 141 -36.87 -12.35 -6.55
N PRO B 142 -37.95 -11.58 -6.46
CA PRO B 142 -38.34 -10.73 -7.59
C PRO B 142 -37.26 -9.71 -7.92
N LEU B 143 -36.99 -9.56 -9.21
CA LEU B 143 -35.89 -8.73 -9.67
C LEU B 143 -36.22 -7.25 -9.60
N ASP B 144 -37.50 -6.89 -9.73
CA ASP B 144 -37.96 -5.53 -9.52
C ASP B 144 -38.53 -5.43 -8.10
N TYR B 145 -38.24 -4.32 -7.44
CA TYR B 145 -38.70 -4.07 -6.07
C TYR B 145 -38.39 -5.26 -5.16
N GLY B 146 -37.10 -5.58 -5.11
CA GLY B 146 -36.59 -6.72 -4.37
C GLY B 146 -36.66 -6.62 -2.87
N TYR B 147 -37.15 -5.49 -2.34
CA TYR B 147 -37.39 -5.34 -0.91
C TYR B 147 -38.88 -5.40 -0.59
N GLY B 148 -39.72 -5.80 -1.54
CA GLY B 148 -41.15 -5.77 -1.32
C GLY B 148 -41.83 -7.10 -1.19
N GLU B 149 -43.01 -7.23 -1.82
CA GLU B 149 -43.80 -8.44 -1.68
C GLU B 149 -43.07 -9.63 -2.29
N GLY B 150 -43.15 -10.78 -1.62
CA GLY B 150 -42.52 -11.98 -2.11
C GLY B 150 -41.01 -12.04 -1.98
N SER B 151 -40.40 -11.06 -1.33
CA SER B 151 -38.95 -11.00 -1.17
C SER B 151 -38.49 -11.80 0.03
N PRO B 152 -37.20 -12.12 0.12
CA PRO B 152 -36.69 -12.78 1.33
C PRO B 152 -37.00 -12.01 2.61
N LEU B 153 -36.95 -10.67 2.57
CA LEU B 153 -37.32 -9.90 3.75
C LEU B 153 -38.79 -10.09 4.09
N ALA B 154 -39.66 -10.12 3.07
CA ALA B 154 -41.08 -10.39 3.33
C ALA B 154 -41.26 -11.77 3.92
N LYS B 155 -40.46 -12.75 3.46
CA LYS B 155 -40.55 -14.10 4.00
C LYS B 155 -40.04 -14.17 5.42
N LEU B 156 -39.08 -13.32 5.80
CA LEU B 156 -38.63 -13.27 7.18
C LEU B 156 -39.76 -12.78 8.10
N VAL B 157 -40.51 -11.78 7.66
CA VAL B 157 -41.67 -11.32 8.42
C VAL B 157 -42.73 -12.40 8.50
N GLU B 158 -43.00 -13.06 7.37
CA GLU B 158 -44.04 -14.09 7.32
C GLU B 158 -43.70 -15.28 8.20
N ALA B 159 -42.41 -15.64 8.28
CA ALA B 159 -42.02 -16.79 9.07
C ALA B 159 -41.86 -16.47 10.55
N GLY B 160 -42.13 -15.24 10.97
CA GLY B 160 -41.86 -14.87 12.35
C GLY B 160 -40.39 -14.84 12.72
N GLY B 161 -39.53 -14.45 11.79
CA GLY B 161 -38.09 -14.41 12.04
C GLY B 161 -37.69 -13.24 12.91
N LYS B 162 -36.37 -13.15 13.14
CA LYS B 162 -35.82 -12.11 13.99
C LYS B 162 -34.58 -11.52 13.36
N VAL B 163 -34.24 -10.31 13.78
CA VAL B 163 -33.04 -9.62 13.30
C VAL B 163 -32.16 -9.28 14.50
N LEU B 164 -30.87 -9.56 14.37
CA LEU B 164 -29.90 -9.34 15.42
C LEU B 164 -28.90 -8.30 14.94
N MET B 165 -28.84 -7.17 15.64
CA MET B 165 -27.79 -6.17 15.43
C MET B 165 -26.66 -6.51 16.39
N LEU B 166 -25.63 -7.18 15.88
CA LEU B 166 -24.53 -7.67 16.70
C LEU B 166 -23.43 -6.62 16.72
N GLY B 167 -23.62 -5.60 17.55
CA GLY B 167 -22.72 -4.47 17.56
C GLY B 167 -22.80 -3.58 16.34
N ALA B 168 -23.61 -3.93 15.35
CA ALA B 168 -23.68 -3.15 14.12
C ALA B 168 -24.46 -1.85 14.33
N PRO B 169 -24.13 -0.81 13.57
CA PRO B 169 -24.91 0.45 13.68
C PRO B 169 -26.38 0.20 13.37
N LEU B 170 -27.25 0.77 14.21
CA LEU B 170 -28.66 0.44 14.16
C LEU B 170 -29.33 0.87 12.85
N ASP B 171 -28.73 1.82 12.13
CA ASP B 171 -29.31 2.24 10.86
C ASP B 171 -28.99 1.28 9.71
N THR B 172 -28.24 0.21 9.96
CA THR B 172 -27.98 -0.80 8.92
C THR B 172 -28.96 -1.95 8.96
N LEU B 173 -30.07 -1.83 9.70
CA LEU B 173 -31.09 -2.88 9.74
C LEU B 173 -31.81 -2.93 8.40
N THR B 174 -31.38 -3.85 7.52
CA THR B 174 -31.87 -3.87 6.14
C THR B 174 -33.39 -4.04 6.06
N LEU B 175 -33.97 -4.77 7.01
CA LEU B 175 -35.41 -5.06 6.94
C LEU B 175 -36.25 -3.79 6.93
N LEU B 176 -35.75 -2.69 7.50
CA LEU B 176 -36.54 -1.46 7.49
C LEU B 176 -36.71 -0.88 6.08
N HIS B 177 -35.86 -1.27 5.12
CA HIS B 177 -36.12 -0.96 3.72
C HIS B 177 -37.40 -1.65 3.24
N HIS B 178 -37.70 -2.83 3.78
CA HIS B 178 -38.99 -3.46 3.49
C HIS B 178 -40.14 -2.64 4.05
N ALA B 179 -39.94 -2.02 5.22
CA ALA B 179 -40.94 -1.11 5.76
C ALA B 179 -41.11 0.12 4.87
N GLU B 180 -39.99 0.65 4.36
CA GLU B 180 -40.06 1.75 3.41
C GLU B 180 -40.88 1.37 2.18
N HIS B 181 -40.66 0.16 1.65
CA HIS B 181 -41.41 -0.28 0.47
C HIS B 181 -42.91 -0.33 0.77
N LEU B 182 -43.29 -0.83 1.94
CA LEU B 182 -44.71 -1.01 2.25
C LEU B 182 -45.41 0.28 2.64
N ALA B 183 -44.65 1.31 3.03
CA ALA B 183 -45.27 2.52 3.56
C ALA B 183 -46.08 3.25 2.49
N ASP B 184 -47.33 3.58 2.82
CA ASP B 184 -48.20 4.34 1.93
C ASP B 184 -47.95 5.83 2.15
N ILE B 185 -46.88 6.32 1.52
CA ILE B 185 -46.49 7.72 1.62
C ILE B 185 -46.13 8.23 0.23
N PRO B 186 -46.22 9.54 0.02
CA PRO B 186 -45.90 10.10 -1.30
C PRO B 186 -44.43 10.48 -1.43
N GLY B 187 -44.02 10.63 -2.70
CA GLY B 187 -42.68 11.08 -2.99
C GLY B 187 -41.59 10.04 -2.81
N LYS B 188 -41.94 8.76 -2.91
CA LYS B 188 -40.95 7.71 -2.73
C LYS B 188 -39.95 7.73 -3.89
N ARG B 189 -38.67 7.82 -3.55
CA ARG B 189 -37.59 7.87 -4.53
C ARG B 189 -37.35 6.50 -5.15
N ILE B 190 -37.00 6.51 -6.44
CA ILE B 190 -36.89 5.29 -7.23
C ILE B 190 -35.50 5.21 -7.85
N LYS B 191 -34.96 3.99 -7.91
CA LYS B 191 -33.68 3.71 -8.55
C LYS B 191 -33.91 2.80 -9.76
N ARG B 192 -33.25 3.13 -10.87
CA ARG B 192 -33.27 2.32 -12.07
C ARG B 192 -31.84 2.10 -12.53
N ILE B 193 -31.45 0.85 -12.75
CA ILE B 193 -30.09 0.55 -13.18
C ILE B 193 -30.08 -0.78 -13.94
N GLU B 194 -29.24 -0.86 -14.95
CA GLU B 194 -29.07 -2.06 -15.76
C GLU B 194 -28.16 -3.06 -15.04
N VAL B 195 -28.53 -4.33 -15.07
CA VAL B 195 -27.78 -5.36 -14.35
C VAL B 195 -27.44 -6.53 -15.28
N PRO B 196 -26.18 -6.96 -15.33
CA PRO B 196 -25.83 -8.13 -16.15
C PRO B 196 -25.96 -9.43 -15.38
N PHE B 197 -26.68 -10.39 -15.95
CA PHE B 197 -26.89 -11.69 -15.32
C PHE B 197 -26.16 -12.77 -16.11
N ALA B 198 -25.50 -13.67 -15.40
CA ALA B 198 -24.92 -14.85 -16.01
C ALA B 198 -26.01 -15.89 -16.25
N THR B 199 -26.08 -16.39 -17.47
CA THR B 199 -27.02 -17.42 -17.89
C THR B 199 -26.23 -18.53 -18.57
N PRO B 200 -26.82 -19.72 -18.73
CA PRO B 200 -26.11 -20.79 -19.46
C PRO B 200 -25.83 -20.46 -20.92
N THR B 201 -26.48 -19.44 -21.48
CA THR B 201 -26.29 -19.02 -22.86
C THR B 201 -25.36 -17.82 -22.98
N GLY B 202 -25.01 -17.16 -21.88
CA GLY B 202 -24.16 -15.98 -21.85
C GLY B 202 -24.76 -14.89 -21.00
N THR B 203 -24.15 -13.71 -21.09
CA THR B 203 -24.60 -12.56 -20.31
C THR B 203 -25.90 -12.00 -20.87
N GLN B 204 -26.89 -11.85 -20.00
CA GLN B 204 -28.18 -11.23 -20.34
C GLN B 204 -28.39 -10.01 -19.46
N TRP B 205 -28.57 -8.86 -20.10
CA TRP B 205 -28.78 -7.60 -19.39
C TRP B 205 -30.26 -7.36 -19.14
N ARG B 206 -30.57 -6.77 -17.99
CA ARG B 206 -31.94 -6.47 -17.59
C ARG B 206 -31.95 -5.17 -16.80
N MET B 207 -32.96 -4.32 -17.06
CA MET B 207 -33.18 -3.13 -16.25
C MET B 207 -33.89 -3.52 -14.96
N ILE B 208 -33.37 -3.02 -13.84
CA ILE B 208 -33.93 -3.27 -12.52
C ILE B 208 -34.51 -1.96 -12.00
N GLU B 209 -35.72 -2.02 -11.46
CA GLU B 209 -36.33 -0.88 -10.80
C GLU B 209 -36.67 -1.25 -9.36
N GLU B 210 -36.43 -0.32 -8.45
CA GLU B 210 -36.78 -0.51 -7.05
C GLU B 210 -36.83 0.86 -6.41
N PHE B 211 -37.43 0.91 -5.22
CA PHE B 211 -37.28 2.11 -4.40
C PHE B 211 -35.82 2.23 -4.00
N ASP B 212 -35.28 3.44 -4.10
CA ASP B 212 -33.86 3.65 -3.81
C ASP B 212 -33.59 3.42 -2.34
N THR B 213 -32.66 2.51 -2.04
CA THR B 213 -32.25 2.23 -0.67
C THR B 213 -30.92 2.88 -0.29
N GLY B 214 -30.28 3.58 -1.23
CA GLY B 214 -29.05 4.29 -0.92
C GLY B 214 -29.25 5.56 -0.14
N ASP B 215 -30.48 6.05 -0.05
CA ASP B 215 -30.85 7.21 0.73
C ASP B 215 -32.22 6.94 1.34
N PRO B 216 -32.67 7.74 2.31
CA PRO B 216 -34.03 7.54 2.83
C PRO B 216 -35.06 7.59 1.72
N ILE B 217 -36.15 6.84 1.90
CA ILE B 217 -37.10 6.65 0.80
C ILE B 217 -37.76 7.95 0.39
N VAL B 218 -37.88 8.91 1.33
CA VAL B 218 -38.47 10.21 1.02
C VAL B 218 -37.57 11.30 1.55
N ALA B 219 -37.78 12.51 1.02
CA ALA B 219 -37.01 13.66 1.46
C ALA B 219 -37.46 14.10 2.85
N GLY B 220 -36.58 14.81 3.54
CA GLY B 220 -36.86 15.26 4.89
C GLY B 220 -36.41 14.34 6.00
N LEU B 221 -35.65 13.29 5.68
CA LEU B 221 -35.15 12.35 6.67
C LEU B 221 -33.63 12.36 6.69
N ALA B 222 -33.05 12.27 7.89
CA ALA B 222 -31.61 12.06 8.00
C ALA B 222 -31.23 10.72 7.39
N GLU B 223 -30.02 10.66 6.82
CA GLU B 223 -29.53 9.40 6.24
C GLU B 223 -29.58 8.24 7.24
N ASP B 224 -29.35 8.51 8.52
CA ASP B 224 -29.28 7.46 9.54
C ASP B 224 -30.58 7.31 10.33
N TYR B 225 -31.72 7.67 9.74
CA TYR B 225 -32.96 7.71 10.51
C TYR B 225 -33.47 6.34 10.92
N PHE B 226 -33.00 5.26 10.28
CA PHE B 226 -33.37 3.92 10.73
C PHE B 226 -33.00 3.71 12.20
N ALA B 227 -31.85 4.27 12.61
CA ALA B 227 -31.38 4.07 13.98
C ALA B 227 -32.34 4.66 15.00
N GLY B 228 -32.92 5.83 14.68
CA GLY B 228 -33.92 6.40 15.57
C GLY B 228 -35.19 5.57 15.64
N ILE B 229 -35.58 4.96 14.53
CA ILE B 229 -36.76 4.07 14.55
C ILE B 229 -36.52 2.89 15.47
N VAL B 230 -35.33 2.28 15.39
CA VAL B 230 -35.01 1.17 16.28
C VAL B 230 -34.97 1.65 17.73
N THR B 231 -34.38 2.82 17.97
CA THR B 231 -34.29 3.36 19.32
C THR B 231 -35.68 3.61 19.92
N GLU B 232 -36.58 4.19 19.13
CA GLU B 232 -37.96 4.37 19.59
C GLU B 232 -38.66 3.03 19.76
N PHE B 233 -38.34 2.06 18.90
CA PHE B 233 -38.90 0.72 19.03
C PHE B 233 -38.55 0.10 20.37
N LEU B 234 -37.26 0.15 20.74
CA LEU B 234 -36.84 -0.37 22.03
C LEU B 234 -37.45 0.44 23.18
N ALA B 235 -37.50 1.76 23.03
CA ALA B 235 -38.03 2.62 24.09
C ALA B 235 -39.49 2.33 24.38
N SER B 236 -40.23 1.83 23.40
CA SER B 236 -41.63 1.48 23.59
C SER B 236 -41.82 0.15 24.29
N GLY B 237 -40.74 -0.52 24.68
CA GLY B 237 -40.84 -1.79 25.38
C GLY B 237 -40.80 -3.03 24.52
N GLN B 238 -40.45 -2.89 23.24
CA GLN B 238 -40.31 -4.04 22.35
C GLN B 238 -38.83 -4.29 22.08
N GLY B 239 -38.50 -5.54 21.76
CA GLY B 239 -37.13 -5.91 21.49
C GLY B 239 -36.29 -6.05 22.74
N ARG B 240 -35.10 -6.61 22.57
CA ARG B 240 -34.17 -6.87 23.67
C ARG B 240 -32.80 -6.29 23.36
N GLN B 241 -32.10 -5.90 24.42
CA GLN B 241 -30.73 -5.42 24.36
C GLN B 241 -29.85 -6.25 25.28
N GLY B 242 -28.58 -6.36 24.93
CA GLY B 242 -27.66 -7.14 25.74
C GLY B 242 -26.35 -7.32 25.03
N LEU B 243 -25.40 -7.91 25.74
CA LEU B 243 -24.06 -8.16 25.23
C LEU B 243 -24.00 -9.50 24.52
N ILE B 244 -23.45 -9.51 23.32
CA ILE B 244 -23.03 -10.73 22.64
C ILE B 244 -21.51 -10.64 22.55
N GLY B 245 -20.82 -11.48 23.31
CA GLY B 245 -19.40 -11.25 23.52
C GLY B 245 -19.23 -9.90 24.20
N ALA B 246 -18.41 -9.04 23.61
CA ALA B 246 -18.23 -7.68 24.10
C ALA B 246 -19.05 -6.65 23.31
N ALA B 247 -19.95 -7.10 22.43
CA ALA B 247 -20.64 -6.18 21.52
C ALA B 247 -22.04 -5.89 22.05
N PRO B 248 -22.38 -4.63 22.32
CA PRO B 248 -23.78 -4.30 22.63
C PRO B 248 -24.66 -4.66 21.45
N SER B 249 -25.70 -5.45 21.72
CA SER B 249 -26.50 -6.03 20.65
C SER B 249 -27.99 -5.80 20.88
N VAL B 250 -28.74 -5.88 19.79
CA VAL B 250 -30.18 -5.68 19.78
C VAL B 250 -30.82 -6.83 19.01
N LEU B 251 -31.86 -7.42 19.59
CA LEU B 251 -32.62 -8.50 18.97
C LEU B 251 -34.09 -8.08 18.89
N VAL B 252 -34.62 -8.00 17.66
CA VAL B 252 -35.98 -7.54 17.45
C VAL B 252 -36.73 -8.55 16.61
N ASP B 253 -38.06 -8.55 16.78
CA ASP B 253 -38.95 -9.40 15.99
C ASP B 253 -39.18 -8.78 14.61
N ALA B 254 -39.03 -9.58 13.57
CA ALA B 254 -39.06 -9.03 12.21
C ALA B 254 -40.43 -8.45 11.87
N ALA B 255 -41.51 -9.14 12.24
CA ALA B 255 -42.84 -8.62 11.96
C ALA B 255 -43.11 -7.34 12.74
N ALA B 256 -42.70 -7.31 14.01
CA ALA B 256 -43.01 -6.15 14.84
C ALA B 256 -42.25 -4.90 14.41
N ILE B 257 -40.96 -5.04 14.07
CA ILE B 257 -40.19 -3.86 13.67
C ILE B 257 -40.67 -3.36 12.31
N THR B 258 -41.12 -4.26 11.43
CA THR B 258 -41.66 -3.84 10.15
C THR B 258 -42.94 -3.03 10.33
N ALA B 259 -43.90 -3.57 11.10
CA ALA B 259 -45.13 -2.84 11.37
C ALA B 259 -44.84 -1.52 12.06
N PHE B 260 -43.90 -1.51 13.01
CA PHE B 260 -43.53 -0.27 13.68
C PHE B 260 -42.93 0.73 12.68
N GLY B 261 -42.09 0.25 11.75
CA GLY B 261 -41.48 1.15 10.79
C GLY B 261 -42.47 1.71 9.80
N VAL B 262 -43.40 0.88 9.34
CA VAL B 262 -44.44 1.36 8.43
C VAL B 262 -45.28 2.43 9.11
N THR B 263 -45.68 2.17 10.36
CA THR B 263 -46.49 3.15 11.10
C THR B 263 -45.70 4.43 11.35
N TRP B 264 -44.41 4.30 11.66
CA TRP B 264 -43.57 5.47 11.86
C TRP B 264 -43.56 6.37 10.63
N LEU B 265 -43.46 5.77 9.43
CA LEU B 265 -43.40 6.59 8.22
C LEU B 265 -44.77 7.13 7.85
N GLU B 266 -45.81 6.33 7.99
CA GLU B 266 -47.16 6.78 7.62
C GLU B 266 -47.69 7.82 8.59
N LYS B 267 -47.14 7.90 9.81
CA LYS B 267 -47.58 8.91 10.75
C LYS B 267 -46.91 10.25 10.48
N ARG B 268 -45.71 10.23 9.91
CA ARG B 268 -45.00 11.47 9.60
C ARG B 268 -45.19 11.95 8.17
N PHE B 269 -45.52 11.06 7.23
CA PHE B 269 -45.65 11.48 5.83
C PHE B 269 -46.92 11.01 5.11
N GLY B 270 -47.78 10.20 5.73
CA GLY B 270 -48.98 9.73 5.09
C GLY B 270 -50.24 10.50 5.51
N THR B 271 -51.37 10.01 5.01
CA THR B 271 -52.67 10.61 5.28
C THR B 271 -53.74 9.52 5.42
N SER C 7 -8.44 12.82 -16.89
CA SER C 7 -7.39 13.80 -17.06
C SER C 7 -7.64 14.76 -16.01
N PHE C 8 -8.62 14.37 -15.20
CA PHE C 8 -9.05 15.15 -14.03
C PHE C 8 -9.62 14.22 -12.99
N ALA C 9 -8.97 14.12 -11.83
CA ALA C 9 -9.57 13.44 -10.69
C ALA C 9 -10.68 14.29 -10.08
N THR C 10 -11.80 13.65 -9.76
CA THR C 10 -12.96 14.37 -9.24
C THR C 10 -13.26 13.95 -7.80
N ARG C 11 -14.18 14.68 -7.19
CA ARG C 11 -14.67 14.31 -5.87
C ARG C 11 -15.23 12.89 -5.87
N THR C 12 -15.86 12.48 -6.96
CA THR C 12 -16.44 11.14 -7.07
C THR C 12 -15.37 10.07 -7.22
N SER C 13 -14.41 10.31 -8.12
CA SER C 13 -13.39 9.28 -8.39
C SER C 13 -12.46 9.09 -7.19
N LEU C 14 -12.10 10.18 -6.51
CA LEU C 14 -11.26 10.06 -5.33
C LEU C 14 -11.98 9.30 -4.21
N ALA C 15 -13.26 9.58 -4.01
CA ALA C 15 -14.02 8.87 -2.98
C ALA C 15 -14.06 7.37 -3.24
N ALA C 16 -14.14 6.97 -4.51
CA ALA C 16 -14.06 5.55 -4.86
C ALA C 16 -12.66 5.01 -4.59
N ASP C 17 -11.62 5.79 -4.92
CA ASP C 17 -10.26 5.37 -4.63
C ASP C 17 -10.05 5.20 -3.13
N LEU C 18 -10.60 6.10 -2.33
CA LEU C 18 -10.44 6.01 -0.88
C LEU C 18 -11.17 4.79 -0.32
N ALA C 19 -12.39 4.53 -0.80
CA ALA C 19 -13.13 3.36 -0.34
C ALA C 19 -12.40 2.07 -0.73
N ALA C 20 -11.87 2.02 -1.95
CA ALA C 20 -11.15 0.82 -2.39
C ALA C 20 -9.90 0.58 -1.56
N LEU C 21 -9.24 1.65 -1.10
CA LEU C 21 -8.03 1.49 -0.29
C LEU C 21 -8.35 0.99 1.13
N GLY C 22 -9.57 1.19 1.60
CA GLY C 22 -9.94 0.65 2.90
C GLY C 22 -10.60 1.65 3.83
N LEU C 23 -10.67 2.91 3.41
CA LEU C 23 -11.36 3.92 4.19
C LEU C 23 -12.85 3.58 4.23
N ALA C 24 -13.42 3.56 5.44
CA ALA C 24 -14.76 3.01 5.66
C ALA C 24 -15.69 4.04 6.27
N TRP C 25 -16.99 3.75 6.12
CA TRP C 25 -18.03 4.57 6.72
C TRP C 25 -17.86 4.67 8.22
N GLY C 26 -17.80 5.91 8.73
CA GLY C 26 -17.66 6.16 10.15
C GLY C 26 -16.23 6.24 10.67
N ASP C 27 -15.23 6.09 9.80
CA ASP C 27 -13.84 6.11 10.26
C ASP C 27 -13.43 7.50 10.74
N ALA C 28 -12.49 7.52 11.69
CA ALA C 28 -11.75 8.72 12.03
C ALA C 28 -10.43 8.65 11.27
N ILE C 29 -10.23 9.56 10.32
CA ILE C 29 -9.11 9.48 9.38
C ILE C 29 -8.27 10.74 9.49
N MET C 30 -6.98 10.56 9.74
CA MET C 30 -6.02 11.65 9.73
C MET C 30 -5.24 11.59 8.43
N VAL C 31 -5.15 12.70 7.71
CA VAL C 31 -4.63 12.70 6.35
C VAL C 31 -3.37 13.56 6.30
N HIS C 32 -2.33 13.04 5.66
CA HIS C 32 -1.15 13.79 5.26
C HIS C 32 -1.10 13.74 3.74
N ALA C 33 -1.18 14.90 3.10
CA ALA C 33 -1.36 14.97 1.66
C ALA C 33 -0.23 15.74 0.99
N ALA C 34 0.25 15.21 -0.12
CA ALA C 34 1.07 15.93 -1.10
C ALA C 34 0.15 16.18 -2.28
N VAL C 35 -0.53 17.33 -2.26
CA VAL C 35 -1.68 17.57 -3.15
C VAL C 35 -1.28 17.41 -4.62
N SER C 36 -0.09 17.89 -4.99
CA SER C 36 0.30 17.86 -6.40
C SER C 36 0.43 16.43 -6.93
N ARG C 37 0.72 15.46 -6.06
CA ARG C 37 0.88 14.09 -6.53
C ARG C 37 -0.44 13.42 -6.86
N VAL C 38 -1.57 13.98 -6.40
CA VAL C 38 -2.86 13.41 -6.72
C VAL C 38 -3.16 13.54 -8.21
N GLY C 39 -2.52 14.51 -8.87
CA GLY C 39 -2.81 14.80 -10.23
C GLY C 39 -3.64 16.07 -10.33
N ARG C 40 -4.30 16.23 -11.45
CA ARG C 40 -5.14 17.39 -11.66
C ARG C 40 -6.46 17.24 -10.94
N LEU C 41 -6.76 18.18 -10.06
CA LEU C 41 -7.96 18.18 -9.24
C LEU C 41 -8.87 19.29 -9.73
N LEU C 42 -10.17 19.01 -9.81
CA LEU C 42 -11.06 20.04 -10.32
C LEU C 42 -11.21 21.20 -9.33
N ASP C 43 -11.21 20.90 -8.03
CA ASP C 43 -11.36 21.94 -7.01
C ASP C 43 -10.17 22.02 -6.05
N GLY C 44 -9.01 21.50 -6.42
CA GLY C 44 -7.86 21.56 -5.55
C GLY C 44 -8.02 20.78 -4.26
N PRO C 45 -7.37 21.25 -3.20
CA PRO C 45 -7.37 20.51 -1.94
C PRO C 45 -8.75 20.27 -1.35
N ASP C 46 -9.72 21.15 -1.61
CA ASP C 46 -11.06 20.93 -1.07
C ASP C 46 -11.74 19.73 -1.70
N THR C 47 -11.35 19.35 -2.93
CA THR C 47 -11.83 18.08 -3.49
C THR C 47 -11.41 16.91 -2.62
N ILE C 48 -10.15 16.91 -2.17
CA ILE C 48 -9.65 15.84 -1.32
C ILE C 48 -10.43 15.82 -0.01
N ILE C 49 -10.61 16.98 0.61
CA ILE C 49 -11.36 17.04 1.87
C ILE C 49 -12.78 16.56 1.65
N ALA C 50 -13.43 17.01 0.58
CA ALA C 50 -14.80 16.59 0.32
C ALA C 50 -14.90 15.09 0.08
N ALA C 51 -13.96 14.55 -0.69
CA ALA C 51 -13.97 13.11 -0.96
C ALA C 51 -13.81 12.31 0.33
N LEU C 52 -12.96 12.77 1.24
CA LEU C 52 -12.81 12.09 2.53
C LEU C 52 -14.09 12.13 3.33
N ARG C 53 -14.74 13.30 3.40
CA ARG C 53 -16.00 13.41 4.13
C ARG C 53 -17.08 12.54 3.49
N ASP C 54 -17.11 12.48 2.14
CA ASP C 54 -18.06 11.61 1.46
C ASP C 54 -17.86 10.16 1.85
N THR C 55 -16.59 9.74 2.01
CA THR C 55 -16.32 8.33 2.29
C THR C 55 -16.61 7.97 3.74
N VAL C 56 -16.25 8.82 4.70
CA VAL C 56 -16.51 8.48 6.10
C VAL C 56 -17.92 8.87 6.55
N GLY C 57 -18.59 9.76 5.84
CA GLY C 57 -19.95 10.12 6.19
C GLY C 57 -20.02 11.07 7.36
N PRO C 58 -21.23 11.53 7.69
CA PRO C 58 -21.37 12.49 8.80
C PRO C 58 -20.99 11.92 10.15
N GLY C 59 -20.98 10.61 10.31
CA GLY C 59 -20.52 10.00 11.55
C GLY C 59 -19.02 9.89 11.68
N GLY C 60 -18.27 10.11 10.60
CA GLY C 60 -16.83 10.03 10.62
C GLY C 60 -16.20 11.38 10.94
N THR C 61 -14.87 11.38 11.02
CA THR C 61 -14.12 12.57 11.33
C THR C 61 -12.86 12.62 10.47
N VAL C 62 -12.58 13.79 9.92
CA VAL C 62 -11.37 14.02 9.12
C VAL C 62 -10.44 14.91 9.93
N LEU C 63 -9.19 14.49 10.06
CA LEU C 63 -8.23 15.22 10.88
C LEU C 63 -6.97 15.51 10.06
N ALA C 64 -6.21 16.49 10.53
CA ALA C 64 -4.92 16.82 9.94
C ALA C 64 -4.06 17.46 11.00
N TYR C 65 -2.74 17.41 10.77
CA TYR C 65 -1.77 18.02 11.67
C TYR C 65 -1.64 19.50 11.35
N ALA C 66 -2.04 20.35 12.29
CA ALA C 66 -2.03 21.79 12.03
C ALA C 66 -0.69 22.44 12.41
N ASP C 67 -0.17 22.13 13.60
CA ASP C 67 1.00 22.85 14.13
C ASP C 67 0.64 24.32 14.15
N TRP C 68 1.64 25.21 14.12
CA TRP C 68 1.37 26.63 13.95
C TRP C 68 2.66 27.34 13.57
N GLU C 69 2.50 28.56 13.08
CA GLU C 69 3.62 29.37 12.63
C GLU C 69 4.33 30.02 13.80
N ALA C 70 5.58 29.62 14.06
CA ALA C 70 6.32 30.08 15.21
C ALA C 70 7.77 30.39 14.78
N ARG C 71 7.92 31.43 13.97
CA ARG C 71 9.25 31.83 13.57
C ARG C 71 10.01 32.50 14.70
N TYR C 72 9.31 32.86 15.78
CA TYR C 72 9.96 33.53 16.92
C TYR C 72 10.91 32.61 17.67
N GLU C 73 10.83 31.29 17.45
CA GLU C 73 11.72 30.40 18.16
C GLU C 73 13.19 30.63 17.78
N ASP C 74 13.44 31.27 16.63
CA ASP C 74 14.81 31.68 16.30
C ASP C 74 15.32 32.76 17.22
N LEU C 75 14.48 33.32 18.11
CA LEU C 75 14.86 34.43 18.97
C LEU C 75 15.10 34.00 20.41
N VAL C 76 14.76 32.76 20.76
CA VAL C 76 14.82 32.35 22.15
C VAL C 76 16.26 32.00 22.53
N ASP C 77 16.52 32.11 23.82
CA ASP C 77 17.83 31.78 24.35
C ASP C 77 17.93 30.28 24.62
N ASP C 78 18.83 29.98 25.54
CA ASP C 78 19.25 28.62 25.80
C ASP C 78 18.16 27.92 26.60
N ALA C 79 17.45 28.69 27.36
CA ALA C 79 16.36 28.27 28.22
C ALA C 79 14.99 28.29 27.55
N GLY C 80 14.92 28.64 26.26
CA GLY C 80 13.66 28.75 25.59
C GLY C 80 12.90 30.02 25.89
N ARG C 81 13.57 31.07 26.39
CA ARG C 81 12.82 32.26 26.80
C ARG C 81 12.97 33.35 25.72
N VAL C 82 11.90 34.12 25.54
CA VAL C 82 11.88 35.18 24.52
C VAL C 82 12.44 36.44 25.16
N PRO C 83 13.41 37.11 24.52
CA PRO C 83 13.96 38.33 25.12
C PRO C 83 12.90 39.38 25.28
N PRO C 84 12.99 40.21 26.33
CA PRO C 84 11.92 41.17 26.62
C PRO C 84 11.62 42.14 25.48
N GLU C 85 12.61 42.51 24.68
CA GLU C 85 12.35 43.46 23.60
C GLU C 85 11.48 42.87 22.50
N TRP C 86 11.35 41.54 22.43
CA TRP C 86 10.57 40.86 21.40
C TRP C 86 9.22 40.35 21.90
N ARG C 87 9.01 40.29 23.22
CA ARG C 87 7.85 39.59 23.77
C ARG C 87 6.55 40.17 23.23
N GLU C 88 6.41 41.50 23.27
CA GLU C 88 5.18 42.13 22.82
C GLU C 88 4.97 42.05 21.31
N HIS C 89 6.01 41.69 20.55
CA HIS C 89 5.89 41.65 19.10
C HIS C 89 5.53 40.27 18.55
N VAL C 90 5.64 39.23 19.37
CA VAL C 90 5.34 37.87 18.91
C VAL C 90 3.83 37.66 18.93
N PRO C 91 3.22 37.34 17.79
CA PRO C 91 1.77 37.11 17.77
C PRO C 91 1.38 35.91 18.60
N PRO C 92 0.46 36.06 19.55
CA PRO C 92 0.09 34.95 20.42
C PRO C 92 -0.71 33.89 19.68
N PHE C 93 -0.73 32.69 20.26
CA PHE C 93 -1.46 31.59 19.65
C PHE C 93 -2.94 31.71 19.96
N ASP C 94 -3.77 31.65 18.92
CA ASP C 94 -5.22 31.62 19.04
C ASP C 94 -5.69 30.42 18.25
N PRO C 95 -6.27 29.41 18.88
CA PRO C 95 -6.64 28.19 18.14
C PRO C 95 -7.57 28.46 16.96
N GLN C 96 -8.43 29.48 17.04
CA GLN C 96 -9.39 29.77 15.98
C GLN C 96 -8.85 30.72 14.93
N ARG C 97 -7.70 31.34 15.14
CA ARG C 97 -7.23 32.36 14.20
C ARG C 97 -5.82 32.09 13.69
N SER C 98 -5.01 31.36 14.46
CA SER C 98 -3.65 31.08 14.05
C SER C 98 -3.64 30.11 12.87
N ARG C 99 -2.81 30.40 11.87
CA ARG C 99 -2.73 29.56 10.70
C ARG C 99 -2.12 28.21 11.05
N ALA C 100 -2.53 27.18 10.30
CA ALA C 100 -1.80 25.93 10.33
C ALA C 100 -0.49 26.10 9.59
N ILE C 101 0.52 25.33 10.01
CA ILE C 101 1.81 25.38 9.32
C ILE C 101 1.64 24.84 7.90
N ARG C 102 2.41 25.40 6.96
CA ARG C 102 2.33 25.02 5.56
C ARG C 102 3.53 24.20 5.10
N ASP C 103 4.44 23.83 6.02
CA ASP C 103 5.66 23.12 5.65
C ASP C 103 5.36 21.88 4.82
N ASN C 104 4.35 21.11 5.21
CA ASN C 104 4.01 19.84 4.57
C ASN C 104 2.80 19.96 3.66
N GLY C 105 2.51 21.15 3.15
CA GLY C 105 1.41 21.35 2.22
C GLY C 105 0.30 22.18 2.84
N VAL C 106 -0.64 22.55 1.96
CA VAL C 106 -1.70 23.50 2.30
C VAL C 106 -2.96 22.85 2.84
N LEU C 107 -3.09 21.53 2.77
CA LEU C 107 -4.33 20.87 3.19
C LEU C 107 -4.73 21.16 4.63
N PRO C 108 -3.84 21.11 5.63
CA PRO C 108 -4.29 21.43 7.00
C PRO C 108 -4.91 22.80 7.12
N GLU C 109 -4.32 23.82 6.48
CA GLU C 109 -4.89 25.15 6.56
C GLU C 109 -6.23 25.22 5.84
N PHE C 110 -6.35 24.53 4.70
CA PHE C 110 -7.63 24.47 4.01
C PHE C 110 -8.69 23.77 4.86
N LEU C 111 -8.30 22.69 5.54
CA LEU C 111 -9.21 22.02 6.45
C LEU C 111 -9.55 22.93 7.63
N ARG C 112 -8.56 23.66 8.16
CA ARG C 112 -8.80 24.55 9.29
C ARG C 112 -9.85 25.61 8.97
N THR C 113 -9.84 26.12 7.73
CA THR C 113 -10.79 27.14 7.31
C THR C 113 -12.04 26.55 6.67
N THR C 114 -12.23 25.25 6.77
CA THR C 114 -13.50 24.65 6.36
C THR C 114 -14.52 24.85 7.48
N PRO C 115 -15.73 25.32 7.17
CA PRO C 115 -16.72 25.57 8.22
C PRO C 115 -17.01 24.31 9.02
N GLY C 116 -16.97 24.44 10.35
CA GLY C 116 -17.19 23.34 11.26
C GLY C 116 -15.93 22.75 11.87
N THR C 117 -14.76 23.01 11.29
CA THR C 117 -13.53 22.41 11.76
C THR C 117 -13.07 23.05 13.06
N LEU C 118 -12.64 22.21 14.01
CA LEU C 118 -12.11 22.64 15.28
C LEU C 118 -10.61 22.37 15.34
N ARG C 119 -9.91 23.15 16.15
CA ARG C 119 -8.45 23.11 16.24
C ARG C 119 -8.04 23.09 17.71
N SER C 120 -7.19 22.13 18.07
CA SER C 120 -6.87 21.91 19.48
C SER C 120 -5.92 23.00 20.00
N GLY C 121 -5.79 23.04 21.33
CA GLY C 121 -5.19 24.15 22.03
C GLY C 121 -3.69 24.12 22.25
N ASN C 122 -3.04 22.97 22.06
CA ASN C 122 -1.59 22.89 22.12
C ASN C 122 -1.05 23.34 20.77
N PRO C 123 -0.42 24.52 20.70
CA PRO C 123 -0.05 25.10 19.39
C PRO C 123 0.82 24.18 18.54
N GLY C 124 1.99 23.82 19.07
CA GLY C 124 2.95 23.05 18.29
C GLY C 124 2.49 21.66 17.92
N ALA C 125 1.60 21.07 18.73
CA ALA C 125 1.11 19.73 18.49
C ALA C 125 -0.35 19.72 18.00
N SER C 126 -0.89 20.88 17.63
CA SER C 126 -2.32 20.98 17.38
C SER C 126 -2.74 20.17 16.16
N LEU C 127 -3.93 19.58 16.26
CA LEU C 127 -4.60 18.93 15.14
C LEU C 127 -5.89 19.69 14.83
N VAL C 128 -6.30 19.64 13.56
CA VAL C 128 -7.63 20.09 13.15
C VAL C 128 -8.50 18.85 12.96
N ALA C 129 -9.78 18.97 13.30
CA ALA C 129 -10.72 17.86 13.14
C ALA C 129 -12.06 18.39 12.64
N LEU C 130 -12.69 17.64 11.74
CA LEU C 130 -13.95 18.03 11.14
C LEU C 130 -14.84 16.79 11.04
N GLY C 131 -15.94 16.79 11.78
CA GLY C 131 -16.88 15.70 11.74
C GLY C 131 -17.46 15.44 13.12
N ALA C 132 -18.05 14.25 13.25
CA ALA C 132 -18.89 13.95 14.41
C ALA C 132 -18.10 14.01 15.72
N LYS C 133 -16.84 13.58 15.70
CA LYS C 133 -16.04 13.54 16.93
C LYS C 133 -15.01 14.65 16.98
N ALA C 134 -15.23 15.75 16.25
CA ALA C 134 -14.22 16.81 16.19
C ALA C 134 -13.96 17.41 17.56
N GLU C 135 -15.02 17.76 18.30
CA GLU C 135 -14.85 18.32 19.64
C GLU C 135 -14.07 17.39 20.54
N TRP C 136 -14.45 16.11 20.58
CA TRP C 136 -13.80 15.16 21.48
C TRP C 136 -12.32 15.00 21.13
N PHE C 137 -11.98 15.00 19.83
CA PHE C 137 -10.59 14.82 19.44
C PHE C 137 -9.73 16.02 19.84
N THR C 138 -10.27 17.23 19.76
CA THR C 138 -9.49 18.44 19.95
C THR C 138 -9.64 19.06 21.34
N ALA C 139 -10.45 18.49 22.20
CA ALA C 139 -10.71 19.10 23.50
C ALA C 139 -9.60 18.80 24.49
N ASP C 140 -9.30 19.79 25.33
CA ASP C 140 -8.44 19.60 26.50
C ASP C 140 -7.08 19.02 26.12
N HIS C 141 -6.45 19.61 25.11
CA HIS C 141 -5.12 19.21 24.67
C HIS C 141 -4.08 19.68 25.69
N PRO C 142 -3.38 18.79 26.38
CA PRO C 142 -2.37 19.23 27.36
C PRO C 142 -1.26 20.03 26.69
N LEU C 143 -0.88 21.14 27.35
CA LEU C 143 0.14 22.03 26.79
C LEU C 143 1.55 21.45 26.94
N ASP C 144 1.75 20.61 27.95
CA ASP C 144 3.01 19.89 28.11
C ASP C 144 2.86 18.48 27.56
N TYR C 145 3.92 18.02 26.88
CA TYR C 145 3.96 16.68 26.28
C TYR C 145 2.70 16.41 25.46
N GLY C 146 2.46 17.31 24.50
CA GLY C 146 1.27 17.28 23.67
C GLY C 146 1.19 16.15 22.67
N TYR C 147 2.20 15.29 22.61
CA TYR C 147 2.15 14.08 21.78
C TYR C 147 1.93 12.84 22.63
N GLY C 148 1.59 13.00 23.90
CA GLY C 148 1.46 11.87 24.79
C GLY C 148 0.05 11.57 25.24
N GLU C 149 -0.10 11.22 26.52
CA GLU C 149 -1.38 10.82 27.04
C GLU C 149 -2.37 11.98 27.02
N GLY C 150 -3.62 11.68 26.69
CA GLY C 150 -4.66 12.68 26.63
C GLY C 150 -4.62 13.60 25.44
N SER C 151 -3.71 13.38 24.50
CA SER C 151 -3.57 14.23 23.33
C SER C 151 -4.51 13.77 22.22
N PRO C 152 -4.76 14.61 21.21
CA PRO C 152 -5.54 14.13 20.06
C PRO C 152 -4.97 12.88 19.41
N LEU C 153 -3.63 12.77 19.36
CA LEU C 153 -3.01 11.56 18.80
C LEU C 153 -3.34 10.34 19.65
N ALA C 154 -3.32 10.48 20.98
CA ALA C 154 -3.71 9.38 21.84
C ALA C 154 -5.17 9.01 21.62
N LYS C 155 -6.03 10.01 21.40
CA LYS C 155 -7.45 9.75 21.16
C LYS C 155 -7.68 9.06 19.82
N LEU C 156 -6.83 9.34 18.82
CA LEU C 156 -6.95 8.66 17.54
C LEU C 156 -6.67 7.16 17.68
N VAL C 157 -5.66 6.81 18.50
CA VAL C 157 -5.41 5.40 18.80
C VAL C 157 -6.58 4.80 19.59
N GLU C 158 -7.08 5.54 20.58
CA GLU C 158 -8.17 5.03 21.41
C GLU C 158 -9.43 4.79 20.60
N ALA C 159 -9.69 5.65 19.62
CA ALA C 159 -10.90 5.53 18.80
C ALA C 159 -10.77 4.51 17.67
N GLY C 160 -9.63 3.83 17.56
CA GLY C 160 -9.41 2.94 16.44
C GLY C 160 -9.32 3.65 15.11
N GLY C 161 -8.76 4.86 15.10
CA GLY C 161 -8.69 5.65 13.89
C GLY C 161 -7.64 5.15 12.93
N LYS C 162 -7.49 5.89 11.83
CA LYS C 162 -6.56 5.53 10.78
C LYS C 162 -5.79 6.76 10.32
N VAL C 163 -4.65 6.51 9.71
CA VAL C 163 -3.80 7.55 9.13
C VAL C 163 -3.61 7.24 7.66
N LEU C 164 -3.80 8.26 6.82
CA LEU C 164 -3.66 8.13 5.37
C LEU C 164 -2.51 9.00 4.89
N MET C 165 -1.50 8.38 4.29
CA MET C 165 -0.43 9.13 3.64
C MET C 165 -0.81 9.29 2.18
N LEU C 166 -1.34 10.46 1.84
CA LEU C 166 -1.85 10.73 0.48
C LEU C 166 -0.73 11.36 -0.34
N GLY C 167 0.16 10.51 -0.83
CA GLY C 167 1.33 10.96 -1.56
C GLY C 167 2.37 11.67 -0.73
N ALA C 168 2.12 11.87 0.57
CA ALA C 168 3.07 12.60 1.40
C ALA C 168 4.28 11.72 1.74
N PRO C 169 5.45 12.33 1.92
CA PRO C 169 6.61 11.55 2.36
C PRO C 169 6.33 10.87 3.69
N LEU C 170 6.71 9.60 3.79
CA LEU C 170 6.32 8.77 4.92
C LEU C 170 6.91 9.24 6.24
N ASP C 171 7.96 10.04 6.22
CA ASP C 171 8.52 10.53 7.48
C ASP C 171 7.72 11.67 8.07
N THR C 172 6.65 12.13 7.42
CA THR C 172 5.79 13.16 7.97
C THR C 172 4.59 12.60 8.74
N LEU C 173 4.60 11.30 9.03
CA LEU C 173 3.52 10.67 9.78
C LEU C 173 3.59 11.12 11.23
N THR C 174 2.80 12.16 11.56
CA THR C 174 2.90 12.81 12.88
C THR C 174 2.64 11.84 14.03
N LEU C 175 1.80 10.83 13.82
CA LEU C 175 1.44 9.92 14.89
C LEU C 175 2.65 9.18 15.46
N LEU C 176 3.71 9.01 14.66
CA LEU C 176 4.88 8.32 15.17
C LEU C 176 5.60 9.10 16.26
N HIS C 177 5.37 10.41 16.35
CA HIS C 177 5.84 11.16 17.51
C HIS C 177 5.15 10.69 18.80
N HIS C 178 3.90 10.23 18.69
CA HIS C 178 3.23 9.63 19.84
C HIS C 178 3.90 8.33 20.24
N ALA C 179 4.39 7.57 19.25
CA ALA C 179 5.17 6.38 19.54
C ALA C 179 6.49 6.73 20.22
N GLU C 180 7.14 7.80 19.75
CA GLU C 180 8.36 8.28 20.40
C GLU C 180 8.09 8.62 21.86
N HIS C 181 6.99 9.32 22.15
CA HIS C 181 6.67 9.68 23.53
C HIS C 181 6.47 8.44 24.39
N LEU C 182 5.79 7.42 23.87
CA LEU C 182 5.47 6.23 24.65
C LEU C 182 6.64 5.27 24.81
N ALA C 183 7.65 5.38 23.95
CA ALA C 183 8.75 4.41 23.95
C ALA C 183 9.58 4.52 25.22
N ASP C 184 9.80 3.38 25.88
CA ASP C 184 10.61 3.31 27.09
C ASP C 184 12.07 3.13 26.69
N ILE C 185 12.71 4.25 26.34
CA ILE C 185 14.09 4.23 25.87
C ILE C 185 14.86 5.34 26.58
N PRO C 186 16.18 5.21 26.69
CA PRO C 186 16.97 6.24 27.35
C PRO C 186 17.44 7.31 26.38
N GLY C 187 17.83 8.45 26.96
CA GLY C 187 18.37 9.52 26.15
C GLY C 187 17.35 10.32 25.37
N LYS C 188 16.10 10.33 25.80
CA LYS C 188 15.08 11.06 25.07
C LYS C 188 15.35 12.56 25.13
N ARG C 189 15.43 13.18 23.95
CA ARG C 189 15.66 14.61 23.90
C ARG C 189 14.40 15.36 24.32
N ILE C 190 14.59 16.49 24.99
CA ILE C 190 13.50 17.26 25.58
C ILE C 190 13.57 18.67 25.02
N LYS C 191 12.41 19.25 24.71
CA LYS C 191 12.31 20.62 24.24
C LYS C 191 11.60 21.45 25.30
N ARG C 192 12.15 22.64 25.56
CA ARG C 192 11.55 23.60 26.47
C ARG C 192 11.47 24.92 25.72
N ILE C 193 10.27 25.50 25.66
CA ILE C 193 10.08 26.74 24.92
C ILE C 193 8.97 27.55 25.55
N GLU C 194 9.16 28.86 25.57
CA GLU C 194 8.13 29.77 26.05
C GLU C 194 7.14 30.03 24.92
N VAL C 195 5.85 29.96 25.23
CA VAL C 195 4.82 30.07 24.20
C VAL C 195 3.83 31.17 24.58
N PRO C 196 3.51 32.10 23.67
CA PRO C 196 2.51 33.11 23.97
C PRO C 196 1.09 32.64 23.63
N PHE C 197 0.18 32.71 24.58
CA PHE C 197 -1.20 32.27 24.38
C PHE C 197 -2.14 33.46 24.41
N ALA C 198 -3.11 33.45 23.49
CA ALA C 198 -4.21 34.40 23.57
C ALA C 198 -5.20 33.90 24.61
N THR C 199 -5.51 34.74 25.59
CA THR C 199 -6.42 34.44 26.68
C THR C 199 -7.43 35.56 26.81
N PRO C 200 -8.52 35.34 27.54
CA PRO C 200 -9.48 36.44 27.76
C PRO C 200 -8.91 37.64 28.52
N THR C 201 -7.74 37.51 29.16
CA THR C 201 -7.09 38.62 29.84
C THR C 201 -5.95 39.22 29.04
N GLY C 202 -5.57 38.61 27.91
CA GLY C 202 -4.48 39.12 27.12
C GLY C 202 -3.48 38.03 26.84
N THR C 203 -2.32 38.43 26.35
CA THR C 203 -1.27 37.48 26.06
C THR C 203 -0.69 36.95 27.38
N GLN C 204 -0.65 35.63 27.51
CA GLN C 204 -0.04 34.99 28.67
C GLN C 204 1.08 34.09 28.18
N TRP C 205 2.29 34.32 28.67
CA TRP C 205 3.43 33.49 28.30
C TRP C 205 3.54 32.33 29.27
N ARG C 206 3.85 31.15 28.75
CA ARG C 206 4.01 29.96 29.56
C ARG C 206 5.13 29.10 28.99
N MET C 207 5.92 28.53 29.89
CA MET C 207 6.95 27.57 29.50
C MET C 207 6.29 26.22 29.23
N ILE C 208 6.62 25.65 28.07
CA ILE C 208 6.12 24.36 27.62
C ILE C 208 7.28 23.37 27.59
N GLU C 209 7.03 22.16 28.07
CA GLU C 209 7.99 21.07 27.96
C GLU C 209 7.36 19.89 27.22
N GLU C 210 8.16 19.28 26.34
CA GLU C 210 7.75 18.09 25.60
C GLU C 210 9.01 17.40 25.10
N PHE C 211 8.85 16.15 24.66
CA PHE C 211 9.93 15.52 23.91
C PHE C 211 10.10 16.22 22.57
N ASP C 212 11.36 16.46 22.20
CA ASP C 212 11.66 17.20 20.97
C ASP C 212 11.20 16.37 19.77
N THR C 213 10.32 16.95 18.96
CA THR C 213 9.87 16.33 17.72
C THR C 213 10.50 16.95 16.48
N GLY C 214 11.34 17.98 16.63
CA GLY C 214 12.01 18.57 15.48
C GLY C 214 13.13 17.72 14.93
N ASP C 215 13.59 16.74 15.69
CA ASP C 215 14.61 15.78 15.30
C ASP C 215 14.23 14.45 15.93
N PRO C 216 14.84 13.32 15.53
CA PRO C 216 14.52 12.05 16.17
C PRO C 216 14.69 12.13 17.68
N ILE C 217 13.89 11.34 18.40
CA ILE C 217 13.82 11.48 19.85
C ILE C 217 15.16 11.16 20.51
N VAL C 218 15.96 10.30 19.89
CA VAL C 218 17.27 9.92 20.42
C VAL C 218 18.31 10.03 19.32
N ALA C 219 19.57 10.07 19.74
CA ALA C 219 20.69 10.15 18.81
C ALA C 219 20.91 8.80 18.11
N GLY C 220 21.56 8.87 16.95
CA GLY C 220 21.85 7.68 16.18
C GLY C 220 20.82 7.31 15.14
N LEU C 221 19.83 8.16 14.91
CA LEU C 221 18.76 7.89 13.96
C LEU C 221 18.82 8.89 12.80
N ALA C 222 18.56 8.40 11.59
CA ALA C 222 18.45 9.30 10.45
C ALA C 222 17.31 10.27 10.64
N GLU C 223 17.47 11.48 10.09
CA GLU C 223 16.43 12.50 10.16
C GLU C 223 15.09 11.99 9.66
N ASP C 224 15.09 11.17 8.61
CA ASP C 224 13.86 10.69 7.99
C ASP C 224 13.52 9.27 8.43
N TYR C 225 13.94 8.86 9.62
CA TYR C 225 13.81 7.44 9.99
C TYR C 225 12.37 7.00 10.16
N PHE C 226 11.42 7.92 10.31
CA PHE C 226 10.01 7.53 10.34
C PHE C 226 9.62 6.79 9.06
N ALA C 227 10.16 7.22 7.91
CA ALA C 227 9.81 6.60 6.64
C ALA C 227 10.27 5.14 6.61
N GLY C 228 11.44 4.85 7.18
CA GLY C 228 11.89 3.48 7.27
C GLY C 228 11.00 2.63 8.16
N ILE C 229 10.47 3.22 9.23
CA ILE C 229 9.55 2.50 10.09
C ILE C 229 8.28 2.13 9.33
N VAL C 230 7.75 3.09 8.56
CA VAL C 230 6.56 2.81 7.76
C VAL C 230 6.87 1.75 6.71
N THR C 231 8.03 1.85 6.07
CA THR C 231 8.42 0.87 5.05
C THR C 231 8.53 -0.53 5.65
N GLU C 232 9.15 -0.64 6.83
CA GLU C 232 9.20 -1.93 7.52
C GLU C 232 7.80 -2.40 7.92
N PHE C 233 6.94 -1.47 8.32
CA PHE C 233 5.56 -1.81 8.68
C PHE C 233 4.84 -2.45 7.51
N LEU C 234 4.92 -1.82 6.33
CA LEU C 234 4.31 -2.40 5.14
C LEU C 234 4.98 -3.71 4.75
N ALA C 235 6.31 -3.78 4.86
CA ALA C 235 7.03 -4.99 4.48
C ALA C 235 6.65 -6.17 5.36
N SER C 236 6.21 -5.92 6.60
CA SER C 236 5.77 -6.97 7.51
C SER C 236 4.36 -7.46 7.22
N GLY C 237 3.69 -6.93 6.19
CA GLY C 237 2.37 -7.37 5.84
C GLY C 237 1.23 -6.61 6.46
N GLN C 238 1.50 -5.47 7.10
CA GLN C 238 0.47 -4.64 7.70
C GLN C 238 0.27 -3.38 6.87
N GLY C 239 -0.95 -2.84 6.95
CA GLY C 239 -1.30 -1.66 6.19
C GLY C 239 -1.53 -1.99 4.72
N ARG C 240 -2.09 -1.02 4.00
CA ARG C 240 -2.38 -1.18 2.59
C ARG C 240 -1.78 -0.01 1.80
N GLN C 241 -1.41 -0.30 0.56
CA GLN C 241 -0.89 0.70 -0.35
C GLN C 241 -1.76 0.75 -1.60
N GLY C 242 -1.80 1.91 -2.24
CA GLY C 242 -2.64 2.05 -3.41
C GLY C 242 -2.66 3.49 -3.87
N LEU C 243 -3.30 3.68 -5.02
CA LEU C 243 -3.40 4.98 -5.64
C LEU C 243 -4.65 5.71 -5.16
N ILE C 244 -4.48 6.96 -4.75
CA ILE C 244 -5.59 7.88 -4.54
C ILE C 244 -5.44 8.94 -5.61
N GLY C 245 -6.34 8.93 -6.60
CA GLY C 245 -6.06 9.69 -7.81
C GLY C 245 -4.80 9.14 -8.43
N ALA C 246 -3.83 10.02 -8.69
CA ALA C 246 -2.53 9.62 -9.24
C ALA C 246 -1.46 9.49 -8.17
N ALA C 247 -1.83 9.56 -6.88
CA ALA C 247 -0.85 9.63 -5.81
C ALA C 247 -0.68 8.27 -5.15
N PRO C 248 0.53 7.70 -5.13
CA PRO C 248 0.77 6.51 -4.32
C PRO C 248 0.52 6.82 -2.86
N SER C 249 -0.32 6.00 -2.22
CA SER C 249 -0.81 6.30 -0.89
C SER C 249 -0.67 5.10 0.04
N VAL C 250 -0.62 5.41 1.34
CA VAL C 250 -0.47 4.41 2.38
C VAL C 250 -1.53 4.66 3.44
N LEU C 251 -2.25 3.62 3.82
CA LEU C 251 -3.29 3.70 4.84
C LEU C 251 -2.97 2.69 5.94
N VAL C 252 -2.77 3.18 7.16
CA VAL C 252 -2.41 2.34 8.29
C VAL C 252 -3.36 2.60 9.45
N ASP C 253 -3.57 1.56 10.24
N ASP C 253 -3.59 1.56 10.24
CA ASP C 253 -4.36 1.68 11.47
CA ASP C 253 -4.39 1.72 11.45
C ASP C 253 -3.56 2.45 12.51
C ASP C 253 -3.58 2.43 12.52
N ALA C 254 -4.23 3.38 13.20
CA ALA C 254 -3.53 4.24 14.15
C ALA C 254 -2.92 3.43 15.30
N ALA C 255 -3.69 2.50 15.86
CA ALA C 255 -3.17 1.68 16.96
C ALA C 255 -2.01 0.80 16.51
N ALA C 256 -2.12 0.21 15.31
CA ALA C 256 -1.12 -0.76 14.87
C ALA C 256 0.21 -0.09 14.56
N ILE C 257 0.19 1.08 13.91
CA ILE C 257 1.45 1.75 13.60
C ILE C 257 2.10 2.28 14.87
N THR C 258 1.31 2.67 15.87
CA THR C 258 1.88 3.14 17.14
C THR C 258 2.60 2.01 17.86
N ALA C 259 1.92 0.88 18.04
CA ALA C 259 2.55 -0.27 18.69
C ALA C 259 3.80 -0.72 17.93
N PHE C 260 3.74 -0.73 16.60
CA PHE C 260 4.91 -1.10 15.81
C PHE C 260 6.05 -0.12 16.03
N GLY C 261 5.74 1.18 16.10
CA GLY C 261 6.78 2.17 16.29
C GLY C 261 7.41 2.12 17.66
N VAL C 262 6.60 1.88 18.69
CA VAL C 262 7.12 1.75 20.06
C VAL C 262 8.07 0.58 20.16
N THR C 263 7.65 -0.59 19.63
CA THR C 263 8.49 -1.77 19.66
C THR C 263 9.76 -1.60 18.84
N TRP C 264 9.64 -0.95 17.67
CA TRP C 264 10.80 -0.68 16.84
C TRP C 264 11.88 0.08 17.61
N LEU C 265 11.47 1.05 18.42
CA LEU C 265 12.43 1.84 19.19
C LEU C 265 12.96 1.06 20.39
N GLU C 266 12.08 0.30 21.08
CA GLU C 266 12.47 -0.38 22.35
C GLU C 266 13.38 -1.61 22.16
N LYS C 267 13.37 -2.24 20.98
CA LYS C 267 14.32 -3.20 20.47
C LYS C 267 15.64 -2.60 19.96
N ARG C 268 15.64 -1.34 19.51
CA ARG C 268 16.89 -0.76 19.12
C ARG C 268 17.56 0.03 20.25
N PHE C 269 16.78 0.55 21.18
CA PHE C 269 17.29 1.29 22.34
C PHE C 269 16.63 0.76 23.61
N GLY C 270 17.29 0.99 24.75
CA GLY C 270 16.68 0.62 26.02
C GLY C 270 16.46 -0.87 26.19
N THR C 271 15.75 -1.20 27.27
CA THR C 271 15.46 -2.59 27.62
C THR C 271 14.04 -2.73 28.15
N SER D 7 39.45 -15.05 -9.89
CA SER D 7 40.49 -14.41 -9.08
C SER D 7 40.95 -13.10 -9.71
N PHE D 8 40.63 -12.90 -10.99
CA PHE D 8 41.01 -11.68 -11.68
C PHE D 8 40.06 -11.44 -12.85
N ALA D 9 39.31 -10.35 -12.80
CA ALA D 9 38.55 -9.94 -13.97
C ALA D 9 39.49 -9.36 -15.02
N THR D 10 39.29 -9.76 -16.27
CA THR D 10 40.15 -9.34 -17.36
C THR D 10 39.38 -8.52 -18.37
N ARG D 11 40.13 -7.97 -19.32
CA ARG D 11 39.54 -7.29 -20.46
C ARG D 11 38.60 -8.23 -21.22
N THR D 12 38.95 -9.51 -21.29
CA THR D 12 38.10 -10.47 -22.01
C THR D 12 36.84 -10.80 -21.21
N SER D 13 36.98 -11.05 -19.91
CA SER D 13 35.82 -11.45 -19.11
C SER D 13 34.86 -10.29 -18.90
N LEU D 14 35.37 -9.07 -18.70
CA LEU D 14 34.48 -7.93 -18.56
C LEU D 14 33.68 -7.69 -19.83
N ALA D 15 34.34 -7.81 -20.99
CA ALA D 15 33.64 -7.67 -22.27
C ALA D 15 32.55 -8.72 -22.43
N ALA D 16 32.81 -9.94 -21.93
CA ALA D 16 31.78 -10.97 -21.96
C ALA D 16 30.63 -10.62 -21.02
N ASP D 17 30.94 -10.09 -19.83
CA ASP D 17 29.89 -9.66 -18.91
C ASP D 17 29.06 -8.52 -19.50
N LEU D 18 29.71 -7.60 -20.20
CA LEU D 18 28.99 -6.48 -20.82
C LEU D 18 28.07 -6.97 -21.92
N ALA D 19 28.55 -7.92 -22.74
CA ALA D 19 27.72 -8.46 -23.81
C ALA D 19 26.49 -9.17 -23.25
N ALA D 20 26.66 -9.96 -22.19
CA ALA D 20 25.51 -10.63 -21.59
C ALA D 20 24.50 -9.64 -21.04
N LEU D 21 24.97 -8.49 -20.54
CA LEU D 21 24.07 -7.47 -20.02
C LEU D 21 23.32 -6.74 -21.14
N GLY D 22 23.88 -6.69 -22.34
CA GLY D 22 23.16 -6.09 -23.45
C GLY D 22 23.92 -5.06 -24.25
N LEU D 23 25.14 -4.71 -23.83
CA LEU D 23 25.97 -3.78 -24.60
C LEU D 23 26.32 -4.41 -25.94
N ALA D 24 26.08 -3.67 -27.02
CA ALA D 24 26.12 -4.21 -28.38
C ALA D 24 27.14 -3.49 -29.26
N TRP D 25 27.50 -4.17 -30.34
CA TRP D 25 28.36 -3.61 -31.37
C TRP D 25 27.75 -2.31 -31.91
N GLY D 26 28.53 -1.23 -31.88
CA GLY D 26 28.09 0.05 -32.40
C GLY D 26 27.35 0.96 -31.42
N ASP D 27 27.15 0.53 -30.18
CA ASP D 27 26.45 1.35 -29.21
C ASP D 27 27.28 2.58 -28.83
N ALA D 28 26.59 3.64 -28.47
CA ALA D 28 27.20 4.77 -27.75
C ALA D 28 26.86 4.57 -26.28
N ILE D 29 27.88 4.34 -25.45
CA ILE D 29 27.69 3.91 -24.08
C ILE D 29 28.33 4.93 -23.15
N MET D 30 27.55 5.44 -22.21
CA MET D 30 28.01 6.34 -21.17
C MET D 30 28.14 5.55 -19.87
N VAL D 31 29.28 5.68 -19.20
CA VAL D 31 29.62 4.81 -18.08
C VAL D 31 29.75 5.62 -16.80
N HIS D 32 29.11 5.13 -15.74
CA HIS D 32 29.35 5.56 -14.37
C HIS D 32 29.86 4.35 -13.62
N ALA D 33 31.10 4.41 -13.15
CA ALA D 33 31.76 3.23 -12.59
C ALA D 33 32.20 3.46 -11.16
N ALA D 34 31.99 2.45 -10.33
CA ALA D 34 32.60 2.34 -9.00
C ALA D 34 33.66 1.23 -9.13
N VAL D 35 34.88 1.64 -9.47
CA VAL D 35 35.90 0.69 -9.91
C VAL D 35 36.15 -0.39 -8.86
N SER D 36 36.14 0.00 -7.57
CA SER D 36 36.45 -0.95 -6.52
C SER D 36 35.42 -2.08 -6.44
N ARG D 37 34.18 -1.82 -6.83
CA ARG D 37 33.15 -2.85 -6.75
C ARG D 37 33.25 -3.89 -7.85
N VAL D 38 33.98 -3.61 -8.93
CA VAL D 38 34.14 -4.59 -10.00
C VAL D 38 34.94 -5.79 -9.51
N GLY D 39 35.74 -5.61 -8.47
CA GLY D 39 36.62 -6.66 -8.00
C GLY D 39 38.04 -6.40 -8.40
N ARG D 40 38.84 -7.46 -8.33
CA ARG D 40 40.26 -7.33 -8.67
C ARG D 40 40.42 -7.33 -10.19
N LEU D 41 41.04 -6.26 -10.69
CA LEU D 41 41.19 -6.01 -12.12
C LEU D 41 42.66 -6.14 -12.52
N LEU D 42 42.89 -6.80 -13.65
CA LEU D 42 44.26 -7.02 -14.08
C LEU D 42 44.94 -5.73 -14.53
N ASP D 43 44.21 -4.80 -15.14
CA ASP D 43 44.79 -3.54 -15.61
C ASP D 43 44.16 -2.31 -14.97
N GLY D 44 43.49 -2.46 -13.82
CA GLY D 44 42.85 -1.35 -13.18
C GLY D 44 41.70 -0.77 -14.01
N PRO D 45 41.44 0.52 -13.84
CA PRO D 45 40.31 1.15 -14.56
C PRO D 45 40.41 1.06 -16.07
N ASP D 46 41.60 0.98 -16.64
CA ASP D 46 41.72 0.83 -18.08
C ASP D 46 41.19 -0.51 -18.58
N THR D 47 41.11 -1.52 -17.71
CA THR D 47 40.45 -2.78 -18.08
C THR D 47 39.01 -2.52 -18.48
N ILE D 48 38.30 -1.70 -17.70
CA ILE D 48 36.91 -1.39 -18.00
C ILE D 48 36.81 -0.66 -19.33
N ILE D 49 37.64 0.37 -19.52
CA ILE D 49 37.61 1.14 -20.77
C ILE D 49 37.88 0.24 -21.95
N ALA D 50 38.90 -0.62 -21.83
CA ALA D 50 39.24 -1.54 -22.92
C ALA D 50 38.08 -2.50 -23.19
N ALA D 51 37.48 -3.06 -22.14
CA ALA D 51 36.37 -3.96 -22.34
C ALA D 51 35.19 -3.26 -23.01
N LEU D 52 34.93 -2.01 -22.63
CA LEU D 52 33.85 -1.25 -23.26
C LEU D 52 34.14 -1.00 -24.74
N ARG D 53 35.37 -0.61 -25.06
CA ARG D 53 35.72 -0.37 -26.46
C ARG D 53 35.67 -1.65 -27.28
N ASP D 54 36.19 -2.75 -26.71
CA ASP D 54 36.14 -4.03 -27.41
C ASP D 54 34.71 -4.42 -27.74
N THR D 55 33.77 -4.14 -26.84
CA THR D 55 32.40 -4.61 -27.02
C THR D 55 31.65 -3.76 -28.06
N VAL D 56 31.84 -2.44 -28.04
CA VAL D 56 31.12 -1.60 -28.99
C VAL D 56 31.83 -1.51 -30.34
N GLY D 57 33.12 -1.80 -30.40
CA GLY D 57 33.85 -1.77 -31.64
C GLY D 57 34.18 -0.36 -32.09
N PRO D 58 34.93 -0.24 -33.19
CA PRO D 58 35.33 1.08 -33.67
C PRO D 58 34.16 1.95 -34.13
N GLY D 59 33.01 1.36 -34.46
CA GLY D 59 31.86 2.17 -34.77
C GLY D 59 31.12 2.72 -33.56
N GLY D 60 31.42 2.22 -32.37
CA GLY D 60 30.78 2.69 -31.15
C GLY D 60 31.53 3.84 -30.48
N THR D 61 30.95 4.31 -29.38
CA THR D 61 31.51 5.42 -28.62
C THR D 61 31.36 5.17 -27.14
N VAL D 62 32.42 5.43 -26.38
CA VAL D 62 32.42 5.30 -24.92
C VAL D 62 32.49 6.70 -24.34
N LEU D 63 31.59 7.01 -23.40
CA LEU D 63 31.49 8.34 -22.83
C LEU D 63 31.49 8.25 -21.31
N ALA D 64 31.79 9.40 -20.69
CA ALA D 64 31.71 9.52 -19.24
C ALA D 64 31.47 10.99 -18.89
N TYR D 65 30.95 11.22 -17.69
CA TYR D 65 30.70 12.58 -17.20
C TYR D 65 32.00 13.11 -16.60
N ALA D 66 32.58 14.12 -17.23
CA ALA D 66 33.89 14.65 -16.81
C ALA D 66 33.75 15.75 -15.77
N ASP D 67 32.85 16.71 -15.99
CA ASP D 67 32.73 17.89 -15.11
C ASP D 67 34.09 18.58 -15.11
N TRP D 68 34.44 19.22 -14.00
N TRP D 68 34.44 19.27 -14.02
CA TRP D 68 35.64 20.05 -13.92
CA TRP D 68 35.71 19.98 -13.98
C TRP D 68 35.99 20.23 -12.45
C TRP D 68 36.05 20.43 -12.57
N GLU D 69 37.29 20.14 -12.15
CA GLU D 69 37.75 20.44 -10.80
C GLU D 69 37.70 21.96 -10.60
N ALA D 70 36.76 22.43 -9.75
CA ALA D 70 36.53 23.87 -9.55
C ALA D 70 36.27 24.18 -8.08
N ARG D 71 37.37 24.12 -7.34
CA ARG D 71 37.54 24.42 -5.93
C ARG D 71 37.33 25.88 -5.63
N TYR D 72 37.32 26.77 -6.63
CA TYR D 72 37.03 28.20 -6.46
C TYR D 72 35.56 28.54 -6.13
N GLU D 73 34.61 27.63 -6.32
CA GLU D 73 33.20 27.96 -6.06
C GLU D 73 32.96 28.33 -4.60
N ASP D 74 33.83 27.90 -3.70
CA ASP D 74 33.77 28.30 -2.30
C ASP D 74 34.10 29.77 -2.09
N LEU D 75 34.52 30.49 -3.13
CA LEU D 75 34.93 31.87 -2.99
C LEU D 75 33.93 32.87 -3.55
N VAL D 76 32.91 32.42 -4.27
CA VAL D 76 32.04 33.35 -4.98
C VAL D 76 31.06 33.98 -4.00
N ASP D 77 30.58 35.19 -4.34
CA ASP D 77 29.60 35.87 -3.52
C ASP D 77 28.22 35.34 -3.90
N ASP D 78 27.15 36.08 -3.54
CA ASP D 78 25.82 35.57 -3.79
C ASP D 78 25.41 35.74 -5.26
N ALA D 79 26.10 36.61 -5.99
CA ALA D 79 25.82 36.74 -7.42
C ALA D 79 26.57 35.71 -8.26
N GLY D 80 27.32 34.80 -7.63
CA GLY D 80 28.10 33.83 -8.37
C GLY D 80 29.36 34.43 -8.92
N ARG D 81 29.80 35.55 -8.36
CA ARG D 81 30.89 36.35 -8.88
C ARG D 81 32.17 36.11 -8.07
N VAL D 82 33.29 36.08 -8.77
CA VAL D 82 34.58 35.83 -8.11
C VAL D 82 35.15 37.15 -7.61
N PRO D 83 35.54 37.23 -6.34
CA PRO D 83 36.08 38.49 -5.81
C PRO D 83 37.33 38.89 -6.54
N PRO D 84 37.61 40.20 -6.67
CA PRO D 84 38.76 40.65 -7.50
C PRO D 84 40.13 40.12 -7.06
N GLU D 85 40.37 39.94 -5.76
CA GLU D 85 41.65 39.43 -5.27
C GLU D 85 41.96 38.00 -5.71
N TRP D 86 40.95 37.24 -6.10
CA TRP D 86 41.10 35.84 -6.40
C TRP D 86 41.07 35.54 -7.88
N ARG D 87 40.61 36.48 -8.71
CA ARG D 87 40.37 36.18 -10.12
C ARG D 87 41.64 35.68 -10.81
N GLU D 88 42.76 36.36 -10.58
CA GLU D 88 44.01 35.99 -11.24
C GLU D 88 44.56 34.66 -10.75
N HIS D 89 44.08 34.15 -9.62
CA HIS D 89 44.60 32.91 -9.07
C HIS D 89 43.79 31.68 -9.45
N VAL D 90 42.60 31.87 -10.00
CA VAL D 90 41.76 30.74 -10.40
C VAL D 90 42.23 30.21 -11.75
N PRO D 91 42.63 28.95 -11.83
CA PRO D 91 43.07 28.38 -13.11
C PRO D 91 41.92 28.30 -14.11
N PRO D 92 42.10 28.87 -15.29
CA PRO D 92 41.00 28.86 -16.27
C PRO D 92 40.79 27.47 -16.84
N PHE D 93 39.59 27.26 -17.38
CA PHE D 93 39.22 25.97 -17.94
C PHE D 93 39.80 25.81 -19.35
N ASP D 94 40.45 24.67 -19.58
CA ASP D 94 40.95 24.29 -20.90
C ASP D 94 40.39 22.90 -21.18
N PRO D 95 39.53 22.75 -22.20
CA PRO D 95 38.93 21.42 -22.45
C PRO D 95 39.95 20.33 -22.66
N GLN D 96 41.13 20.65 -23.19
CA GLN D 96 42.15 19.65 -23.45
C GLN D 96 43.11 19.45 -22.28
N ARG D 97 43.06 20.30 -21.26
CA ARG D 97 44.05 20.22 -20.18
C ARG D 97 43.45 20.13 -18.78
N SER D 98 42.24 20.64 -18.59
CA SER D 98 41.62 20.62 -17.27
C SER D 98 41.26 19.21 -16.86
N ARG D 99 41.58 18.84 -15.61
CA ARG D 99 41.29 17.51 -15.12
C ARG D 99 39.79 17.31 -14.99
N ALA D 100 39.36 16.07 -15.19
CA ALA D 100 37.99 15.70 -14.87
C ALA D 100 37.81 15.66 -13.36
N ILE D 101 36.57 15.90 -12.91
CA ILE D 101 36.27 15.79 -11.49
C ILE D 101 36.43 14.34 -11.06
N ARG D 102 36.91 14.12 -9.84
CA ARG D 102 37.12 12.79 -9.32
C ARG D 102 36.11 12.38 -8.26
N ASP D 103 35.11 13.22 -7.98
CA ASP D 103 34.14 12.95 -6.90
C ASP D 103 33.53 11.56 -7.04
N ASN D 104 33.17 11.18 -8.27
CA ASN D 104 32.47 9.94 -8.53
C ASN D 104 33.39 8.85 -9.07
N GLY D 105 34.68 8.94 -8.79
CA GLY D 105 35.63 7.94 -9.20
C GLY D 105 36.60 8.46 -10.25
N VAL D 106 37.61 7.63 -10.51
CA VAL D 106 38.74 8.01 -11.35
C VAL D 106 38.54 7.68 -12.84
N LEU D 107 37.52 6.91 -13.19
CA LEU D 107 37.37 6.49 -14.58
C LEU D 107 37.25 7.65 -15.56
N PRO D 108 36.45 8.69 -15.32
CA PRO D 108 36.37 9.78 -16.32
C PRO D 108 37.72 10.42 -16.63
N GLU D 109 38.56 10.65 -15.60
CA GLU D 109 39.88 11.20 -15.87
C GLU D 109 40.74 10.20 -16.64
N PHE D 110 40.62 8.91 -16.31
CA PHE D 110 41.36 7.89 -17.06
C PHE D 110 40.92 7.85 -18.51
N LEU D 111 39.60 7.95 -18.75
CA LEU D 111 39.13 8.03 -20.13
C LEU D 111 39.61 9.31 -20.81
N ARG D 112 39.59 10.43 -20.09
CA ARG D 112 40.03 11.70 -20.68
C ARG D 112 41.48 11.61 -21.17
N THR D 113 42.34 10.92 -20.42
CA THR D 113 43.74 10.78 -20.78
C THR D 113 44.02 9.55 -21.64
N THR D 114 42.99 8.90 -22.15
CA THR D 114 43.19 7.86 -23.16
C THR D 114 43.35 8.51 -24.53
N PRO D 115 44.37 8.13 -25.31
CA PRO D 115 44.58 8.77 -26.62
C PRO D 115 43.35 8.64 -27.51
N GLY D 116 42.96 9.77 -28.10
CA GLY D 116 41.80 9.85 -28.96
C GLY D 116 40.58 10.46 -28.31
N THR D 117 40.55 10.55 -26.98
CA THR D 117 39.38 11.05 -26.28
C THR D 117 39.24 12.56 -26.42
N LEU D 118 38.02 13.00 -26.71
CA LEU D 118 37.67 14.41 -26.82
C LEU D 118 36.79 14.81 -25.65
N ARG D 119 36.82 16.11 -25.34
CA ARG D 119 36.15 16.64 -24.16
C ARG D 119 35.41 17.93 -24.51
N SER D 120 34.13 18.00 -24.15
CA SER D 120 33.28 19.10 -24.58
C SER D 120 33.59 20.38 -23.81
N GLY D 121 33.06 21.49 -24.33
CA GLY D 121 33.48 22.84 -23.94
C GLY D 121 32.79 23.47 -22.76
N ASN D 122 31.66 22.94 -22.32
CA ASN D 122 30.98 23.43 -21.12
C ASN D 122 31.67 22.80 -19.92
N PRO D 123 32.43 23.56 -19.12
CA PRO D 123 33.26 22.95 -18.07
C PRO D 123 32.47 22.08 -17.09
N GLY D 124 31.49 22.67 -16.40
CA GLY D 124 30.77 21.94 -15.37
C GLY D 124 29.95 20.79 -15.89
N ALA D 125 29.53 20.87 -17.15
CA ALA D 125 28.70 19.83 -17.76
C ALA D 125 29.46 18.97 -18.77
N SER D 126 30.79 19.07 -18.82
CA SER D 126 31.52 18.46 -19.91
C SER D 126 31.44 16.93 -19.87
N LEU D 127 31.36 16.33 -21.05
CA LEU D 127 31.49 14.89 -21.20
C LEU D 127 32.75 14.58 -21.99
N VAL D 128 33.35 13.43 -21.70
CA VAL D 128 34.43 12.90 -22.52
C VAL D 128 33.84 11.82 -23.42
N ALA D 129 34.36 11.72 -24.64
CA ALA D 129 33.88 10.74 -25.60
C ALA D 129 35.06 10.17 -26.36
N LEU D 130 35.00 8.87 -26.63
CA LEU D 130 36.06 8.15 -27.33
C LEU D 130 35.41 7.17 -28.30
N GLY D 131 35.59 7.40 -29.59
CA GLY D 131 35.05 6.51 -30.58
C GLY D 131 34.54 7.26 -31.79
N ALA D 132 33.71 6.57 -32.57
CA ALA D 132 33.35 7.05 -33.90
C ALA D 132 32.62 8.39 -33.87
N LYS D 133 31.79 8.62 -32.85
CA LYS D 133 30.96 9.82 -32.78
C LYS D 133 31.45 10.81 -31.72
N ALA D 134 32.73 10.73 -31.34
CA ALA D 134 33.27 11.58 -30.27
C ALA D 134 33.16 13.06 -30.64
N GLU D 135 33.56 13.41 -31.88
CA GLU D 135 33.45 14.75 -32.47
C GLU D 135 32.03 15.29 -32.37
N TRP D 136 31.03 14.53 -32.83
CA TRP D 136 29.65 15.03 -32.78
C TRP D 136 29.14 15.18 -31.33
N PHE D 137 29.50 14.25 -30.45
CA PHE D 137 28.99 14.29 -29.09
C PHE D 137 29.53 15.50 -28.33
N THR D 138 30.78 15.89 -28.57
CA THR D 138 31.44 16.92 -27.77
C THR D 138 31.48 18.28 -28.47
N ALA D 139 30.95 18.40 -29.67
CA ALA D 139 31.04 19.66 -30.40
C ALA D 139 29.97 20.63 -29.94
N ASP D 140 30.35 21.91 -29.84
CA ASP D 140 29.42 23.03 -29.66
C ASP D 140 28.52 22.84 -28.43
N HIS D 141 29.14 22.53 -27.31
CA HIS D 141 28.42 22.40 -26.05
C HIS D 141 27.99 23.77 -25.55
N PRO D 142 26.69 24.06 -25.47
CA PRO D 142 26.26 25.40 -25.03
C PRO D 142 26.69 25.70 -23.60
N LEU D 143 27.18 26.92 -23.39
CA LEU D 143 27.73 27.30 -22.08
C LEU D 143 26.65 27.58 -21.05
N ASP D 144 25.48 28.05 -21.47
CA ASP D 144 24.34 28.21 -20.59
C ASP D 144 23.39 27.03 -20.75
N TYR D 145 22.85 26.56 -19.63
CA TYR D 145 21.93 25.42 -19.59
C TYR D 145 22.51 24.23 -20.36
N GLY D 146 23.73 23.86 -19.97
CA GLY D 146 24.50 22.81 -20.61
C GLY D 146 23.99 21.40 -20.41
N TYR D 147 22.89 21.22 -19.68
CA TYR D 147 22.25 19.93 -19.56
C TYR D 147 20.96 19.86 -20.38
N GLY D 148 20.73 20.84 -21.25
CA GLY D 148 19.49 20.89 -22.01
C GLY D 148 19.68 20.63 -23.49
N GLU D 149 18.97 21.40 -24.32
CA GLU D 149 18.97 21.17 -25.76
C GLU D 149 20.35 21.42 -26.33
N GLY D 150 20.74 20.58 -27.29
CA GLY D 150 22.04 20.70 -27.94
C GLY D 150 23.22 20.23 -27.11
N SER D 151 22.99 19.66 -25.96
CA SER D 151 24.07 19.21 -25.09
C SER D 151 24.51 17.80 -25.47
N PRO D 152 25.68 17.36 -25.01
CA PRO D 152 26.07 15.96 -25.22
C PRO D 152 25.03 14.98 -24.69
N LEU D 153 24.38 15.32 -23.57
CA LEU D 153 23.35 14.44 -23.02
C LEU D 153 22.15 14.35 -23.97
N ALA D 154 21.74 15.48 -24.56
CA ALA D 154 20.66 15.45 -25.54
C ALA D 154 21.08 14.62 -26.76
N LYS D 155 22.34 14.73 -27.17
CA LYS D 155 22.80 13.93 -28.31
C LYS D 155 22.85 12.45 -27.98
N LEU D 156 23.11 12.09 -26.72
CA LEU D 156 23.09 10.69 -26.33
C LEU D 156 21.68 10.13 -26.48
N VAL D 157 20.67 10.91 -26.13
CA VAL D 157 19.29 10.50 -26.35
C VAL D 157 18.99 10.40 -27.85
N GLU D 158 19.42 11.41 -28.61
CA GLU D 158 19.13 11.45 -30.04
C GLU D 158 19.78 10.29 -30.79
N ALA D 159 20.98 9.87 -30.36
CA ALA D 159 21.70 8.80 -31.03
C ALA D 159 21.23 7.41 -30.61
N GLY D 160 20.22 7.31 -29.74
CA GLY D 160 19.83 6.02 -29.23
C GLY D 160 20.88 5.38 -28.34
N GLY D 161 21.61 6.17 -27.57
CA GLY D 161 22.67 5.67 -26.72
C GLY D 161 22.13 4.99 -25.49
N LYS D 162 23.07 4.55 -24.65
CA LYS D 162 22.75 3.84 -23.42
C LYS D 162 23.60 4.37 -22.28
N VAL D 163 23.14 4.13 -21.06
CA VAL D 163 23.85 4.52 -19.85
C VAL D 163 24.06 3.26 -19.01
N LEU D 164 25.29 3.09 -18.53
CA LEU D 164 25.67 1.92 -17.73
C LEU D 164 26.08 2.39 -16.34
N MET D 165 25.33 1.93 -15.33
CA MET D 165 25.73 2.12 -13.94
C MET D 165 26.52 0.88 -13.54
N LEU D 166 27.85 1.00 -13.56
CA LEU D 166 28.75 -0.12 -13.32
C LEU D 166 29.10 -0.13 -11.83
N GLY D 167 28.18 -0.67 -11.04
CA GLY D 167 28.33 -0.67 -9.60
C GLY D 167 28.21 0.69 -8.94
N ALA D 168 28.04 1.77 -9.71
CA ALA D 168 27.97 3.11 -9.16
C ALA D 168 26.61 3.35 -8.50
N PRO D 169 26.57 4.20 -7.48
CA PRO D 169 25.27 4.55 -6.88
C PRO D 169 24.33 5.14 -7.93
N LEU D 170 23.08 4.68 -7.90
CA LEU D 170 22.15 4.98 -8.97
C LEU D 170 21.82 6.47 -9.06
N ASP D 171 22.04 7.23 -8.00
CA ASP D 171 21.75 8.65 -8.05
C ASP D 171 22.82 9.45 -8.79
N THR D 172 23.89 8.81 -9.25
CA THR D 172 24.93 9.49 -10.04
C THR D 172 24.67 9.40 -11.53
N LEU D 173 23.49 8.97 -11.95
CA LEU D 173 23.15 8.91 -13.37
C LEU D 173 22.98 10.34 -13.88
N THR D 174 24.04 10.89 -14.46
CA THR D 174 24.08 12.31 -14.84
C THR D 174 22.96 12.67 -15.81
N LEU D 175 22.57 11.72 -16.67
CA LEU D 175 21.57 12.01 -17.70
C LEU D 175 20.24 12.47 -17.12
N LEU D 176 19.91 12.06 -15.89
CA LEU D 176 18.65 12.50 -15.31
C LEU D 176 18.61 14.00 -15.04
N HIS D 177 19.78 14.66 -14.98
CA HIS D 177 19.80 16.12 -14.96
C HIS D 177 19.24 16.69 -16.25
N HIS D 178 19.42 15.98 -17.37
CA HIS D 178 18.79 16.39 -18.62
C HIS D 178 17.27 16.26 -18.53
N ALA D 179 16.79 15.23 -17.83
CA ALA D 179 15.36 15.12 -17.58
C ALA D 179 14.87 16.26 -16.71
N GLU D 180 15.67 16.65 -15.70
CA GLU D 180 15.34 17.81 -14.88
C GLU D 180 15.18 19.06 -15.75
N HIS D 181 16.11 19.27 -16.69
CA HIS D 181 16.02 20.45 -17.56
C HIS D 181 14.73 20.43 -18.38
N LEU D 182 14.35 19.27 -18.90
CA LEU D 182 13.20 19.16 -19.78
C LEU D 182 11.86 19.17 -19.05
N ALA D 183 11.84 18.85 -17.76
CA ALA D 183 10.57 18.67 -17.06
C ALA D 183 9.85 20.01 -16.93
N ASP D 184 8.59 20.05 -17.36
CA ASP D 184 7.77 21.26 -17.28
C ASP D 184 7.12 21.30 -15.91
N ILE D 185 7.88 21.80 -14.94
CA ILE D 185 7.44 21.87 -13.55
C ILE D 185 7.80 23.25 -12.99
N PRO D 186 7.09 23.69 -11.94
CA PRO D 186 7.38 25.00 -11.37
C PRO D 186 8.43 24.94 -10.26
N GLY D 187 8.99 26.11 -9.97
CA GLY D 187 9.92 26.23 -8.87
C GLY D 187 11.30 25.67 -9.14
N LYS D 188 11.71 25.60 -10.41
CA LYS D 188 13.03 25.08 -10.74
C LYS D 188 14.12 26.02 -10.24
N ARG D 189 15.04 25.47 -9.45
CA ARG D 189 16.14 26.26 -8.92
C ARG D 189 17.18 26.55 -9.99
N ILE D 190 17.77 27.74 -9.93
CA ILE D 190 18.70 28.21 -10.95
C ILE D 190 20.02 28.52 -10.27
N LYS D 191 21.12 28.15 -10.93
CA LYS D 191 22.46 28.45 -10.45
C LYS D 191 23.13 29.42 -11.41
N ARG D 192 23.79 30.42 -10.86
CA ARG D 192 24.54 31.39 -11.63
C ARG D 192 25.94 31.50 -11.04
N ILE D 193 26.95 31.34 -11.88
CA ILE D 193 28.33 31.40 -11.39
C ILE D 193 29.24 31.88 -12.51
N GLU D 194 30.25 32.66 -12.13
CA GLU D 194 31.24 33.15 -13.07
C GLU D 194 32.26 32.05 -13.30
N VAL D 195 32.63 31.83 -14.56
CA VAL D 195 33.52 30.73 -14.92
C VAL D 195 34.69 31.26 -15.75
N PRO D 196 35.93 30.93 -15.39
CA PRO D 196 37.07 31.37 -16.20
C PRO D 196 37.40 30.43 -17.34
N PHE D 197 37.49 30.97 -18.55
CA PHE D 197 37.83 30.19 -19.74
C PHE D 197 39.22 30.58 -20.23
N ALA D 198 40.02 29.58 -20.56
CA ALA D 198 41.32 29.80 -21.17
C ALA D 198 41.15 30.09 -22.65
N THR D 199 41.76 31.17 -23.13
CA THR D 199 41.73 31.57 -24.51
C THR D 199 43.16 31.81 -24.97
N PRO D 200 43.41 31.83 -26.29
CA PRO D 200 44.74 32.22 -26.77
C PRO D 200 45.07 33.67 -26.44
N THR D 201 44.07 34.44 -26.00
CA THR D 201 44.21 35.84 -25.64
C THR D 201 44.40 36.04 -24.15
N GLY D 202 44.10 35.04 -23.33
CA GLY D 202 44.16 35.10 -21.89
C GLY D 202 42.88 34.61 -21.28
N THR D 203 42.74 34.82 -19.98
CA THR D 203 41.55 34.35 -19.27
C THR D 203 40.35 35.24 -19.61
N GLN D 204 39.26 34.59 -20.02
CA GLN D 204 38.00 35.28 -20.28
C GLN D 204 36.95 34.76 -19.31
N TRP D 205 36.42 35.67 -18.48
CA TRP D 205 35.41 35.32 -17.50
C TRP D 205 34.02 35.45 -18.12
N ARG D 206 33.14 34.52 -17.78
CA ARG D 206 31.78 34.51 -18.27
C ARG D 206 30.85 34.05 -17.16
N MET D 207 29.68 34.68 -17.07
CA MET D 207 28.65 34.20 -16.17
C MET D 207 27.96 33.02 -16.83
N ILE D 208 27.84 31.92 -16.10
CA ILE D 208 27.18 30.72 -16.59
C ILE D 208 25.87 30.61 -15.83
N GLU D 209 24.78 30.37 -16.56
CA GLU D 209 23.49 30.12 -15.97
C GLU D 209 23.00 28.75 -16.41
N GLU D 210 22.43 28.01 -15.46
CA GLU D 210 21.87 26.69 -15.73
C GLU D 210 20.92 26.35 -14.59
N PHE D 211 20.10 25.34 -14.80
CA PHE D 211 19.39 24.76 -13.67
C PHE D 211 20.39 24.11 -12.74
N ASP D 212 20.20 24.33 -11.44
CA ASP D 212 21.14 23.82 -10.45
C ASP D 212 21.12 22.30 -10.45
N THR D 213 22.27 21.69 -10.69
CA THR D 213 22.43 20.24 -10.62
C THR D 213 23.11 19.79 -9.34
N GLY D 214 23.52 20.72 -8.48
CA GLY D 214 24.10 20.34 -7.20
C GLY D 214 23.10 19.89 -6.16
N ASP D 215 21.82 20.15 -6.39
CA ASP D 215 20.73 19.73 -5.53
C ASP D 215 19.56 19.37 -6.42
N PRO D 216 18.53 18.69 -5.91
CA PRO D 216 17.36 18.42 -6.76
C PRO D 216 16.81 19.69 -7.36
N ILE D 217 16.21 19.57 -8.55
CA ILE D 217 15.83 20.75 -9.32
C ILE D 217 14.77 21.57 -8.58
N VAL D 218 13.94 20.92 -7.76
CA VAL D 218 12.91 21.61 -7.00
C VAL D 218 12.98 21.17 -5.54
N ALA D 219 12.36 21.96 -4.67
CA ALA D 219 12.34 21.66 -3.26
C ALA D 219 11.39 20.50 -2.96
N GLY D 220 11.64 19.83 -1.84
CA GLY D 220 10.81 18.71 -1.44
C GLY D 220 11.27 17.37 -1.93
N LEU D 221 12.45 17.30 -2.56
CA LEU D 221 12.97 16.04 -3.07
C LEU D 221 14.20 15.66 -2.26
N ALA D 222 14.31 14.37 -1.94
CA ALA D 222 15.49 13.85 -1.30
C ALA D 222 16.71 14.05 -2.21
N GLU D 223 17.87 14.18 -1.58
CA GLU D 223 19.14 14.34 -2.25
C GLU D 223 19.40 13.29 -3.32
N ASP D 224 19.13 12.03 -3.00
CA ASP D 224 19.46 10.89 -3.87
C ASP D 224 18.25 10.38 -4.64
N TYR D 225 17.28 11.26 -4.93
CA TYR D 225 16.01 10.80 -5.50
C TYR D 225 16.17 10.25 -6.91
N PHE D 226 17.29 10.54 -7.59
CA PHE D 226 17.55 9.90 -8.88
C PHE D 226 17.55 8.39 -8.74
N ALA D 227 18.09 7.88 -7.63
CA ALA D 227 18.18 6.43 -7.45
C ALA D 227 16.79 5.80 -7.39
N GLY D 228 15.84 6.49 -6.75
CA GLY D 228 14.47 6.00 -6.73
C GLY D 228 13.86 5.99 -8.11
N ILE D 229 14.19 7.00 -8.93
CA ILE D 229 13.68 7.02 -10.30
C ILE D 229 14.20 5.83 -11.09
N VAL D 230 15.49 5.51 -10.92
CA VAL D 230 16.06 4.35 -11.60
C VAL D 230 15.40 3.07 -11.10
N THR D 231 15.18 2.97 -9.79
CA THR D 231 14.54 1.78 -9.23
C THR D 231 13.13 1.60 -9.78
N GLU D 232 12.36 2.69 -9.86
CA GLU D 232 11.03 2.60 -10.46
C GLU D 232 11.11 2.27 -11.95
N PHE D 233 12.13 2.80 -12.64
CA PHE D 233 12.31 2.48 -14.05
C PHE D 233 12.52 0.98 -14.23
N LEU D 234 13.42 0.39 -13.46
CA LEU D 234 13.63 -1.06 -13.54
C LEU D 234 12.37 -1.81 -13.13
N ALA D 235 11.68 -1.32 -12.10
CA ALA D 235 10.46 -1.99 -11.61
C ALA D 235 9.36 -1.99 -12.64
N SER D 236 9.36 -1.02 -13.55
CA SER D 236 8.36 -0.99 -14.60
C SER D 236 8.67 -1.94 -15.74
N GLY D 237 9.77 -2.69 -15.66
CA GLY D 237 10.12 -3.63 -16.70
C GLY D 237 11.06 -3.09 -17.75
N GLN D 238 11.64 -1.91 -17.54
CA GLN D 238 12.59 -1.34 -18.48
C GLN D 238 14.00 -1.44 -17.92
N GLY D 239 14.99 -1.49 -18.81
CA GLY D 239 16.37 -1.64 -18.42
C GLY D 239 16.70 -3.07 -17.99
N ARG D 240 17.99 -3.35 -17.89
CA ARG D 240 18.47 -4.67 -17.56
C ARG D 240 19.44 -4.62 -16.39
N GLN D 241 19.50 -5.70 -15.63
CA GLN D 241 20.45 -5.83 -14.53
C GLN D 241 21.34 -7.03 -14.76
N GLY D 242 22.54 -6.96 -14.20
CA GLY D 242 23.49 -8.06 -14.32
C GLY D 242 24.81 -7.65 -13.71
N LEU D 243 25.67 -8.66 -13.57
CA LEU D 243 26.98 -8.46 -12.95
C LEU D 243 28.01 -8.14 -14.03
N ILE D 244 28.79 -7.09 -13.80
CA ILE D 244 29.99 -6.78 -14.58
C ILE D 244 31.17 -6.98 -13.64
N GLY D 245 31.96 -8.02 -13.90
CA GLY D 245 32.90 -8.46 -12.88
C GLY D 245 32.12 -8.86 -11.65
N ALA D 246 32.47 -8.28 -10.51
CA ALA D 246 31.75 -8.50 -9.27
C ALA D 246 30.77 -7.37 -8.94
N ALA D 247 30.52 -6.46 -9.88
CA ALA D 247 29.76 -5.27 -9.57
C ALA D 247 28.33 -5.42 -10.05
N PRO D 248 27.33 -5.33 -9.16
CA PRO D 248 25.93 -5.25 -9.60
C PRO D 248 25.73 -4.01 -10.45
N SER D 249 25.23 -4.21 -11.67
CA SER D 249 25.21 -3.15 -12.67
C SER D 249 23.83 -3.01 -13.30
N VAL D 250 23.58 -1.83 -13.86
CA VAL D 250 22.33 -1.49 -14.50
C VAL D 250 22.63 -0.88 -15.86
N LEU D 251 21.95 -1.35 -16.89
CA LEU D 251 22.08 -0.84 -18.26
C LEU D 251 20.73 -0.36 -18.73
N VAL D 252 20.62 0.92 -19.06
CA VAL D 252 19.36 1.53 -19.45
C VAL D 252 19.51 2.24 -20.78
N ASP D 253 18.39 2.34 -21.49
CA ASP D 253 18.30 3.12 -22.72
C ASP D 253 18.28 4.62 -22.38
N ALA D 254 19.11 5.40 -23.07
CA ALA D 254 19.21 6.82 -22.75
C ALA D 254 17.89 7.54 -23.02
N ALA D 255 17.26 7.26 -24.16
CA ALA D 255 15.98 7.90 -24.46
C ALA D 255 14.90 7.44 -23.48
N ALA D 256 14.88 6.15 -23.13
CA ALA D 256 13.81 5.63 -22.31
C ALA D 256 13.88 6.17 -20.88
N ILE D 257 15.09 6.23 -20.30
CA ILE D 257 15.21 6.74 -18.94
C ILE D 257 14.93 8.25 -18.89
N THR D 258 15.28 8.98 -19.94
CA THR D 258 15.03 10.41 -19.98
C THR D 258 13.53 10.71 -20.01
N ALA D 259 12.79 10.05 -20.91
CA ALA D 259 11.34 10.24 -20.95
C ALA D 259 10.70 9.83 -19.64
N PHE D 260 11.15 8.71 -19.06
CA PHE D 260 10.61 8.26 -17.77
C PHE D 260 10.87 9.28 -16.67
N GLY D 261 12.06 9.89 -16.67
CA GLY D 261 12.36 10.88 -15.64
C GLY D 261 11.54 12.14 -15.79
N VAL D 262 11.31 12.58 -17.03
CA VAL D 262 10.47 13.75 -17.27
C VAL D 262 9.05 13.48 -16.79
N THR D 263 8.50 12.31 -17.13
CA THR D 263 7.16 11.95 -16.70
C THR D 263 7.10 11.80 -15.17
N TRP D 264 8.13 11.18 -14.59
CA TRP D 264 8.17 11.05 -13.13
C TRP D 264 8.07 12.40 -12.45
N LEU D 265 8.79 13.40 -12.96
CA LEU D 265 8.76 14.72 -12.34
C LEU D 265 7.46 15.47 -12.67
N GLU D 266 7.00 15.37 -13.92
CA GLU D 266 5.82 16.13 -14.32
C GLU D 266 4.52 15.62 -13.70
N LYS D 267 4.48 14.35 -13.28
CA LYS D 267 3.28 13.89 -12.60
C LYS D 267 3.32 14.20 -11.11
N ARG D 268 4.51 14.36 -10.56
CA ARG D 268 4.67 14.67 -9.14
C ARG D 268 4.62 16.16 -8.84
N PHE D 269 4.99 16.99 -9.81
CA PHE D 269 4.92 18.44 -9.67
C PHE D 269 4.27 19.02 -10.92
N GLY D 270 3.92 20.30 -10.84
CA GLY D 270 3.41 20.96 -12.03
C GLY D 270 2.19 20.37 -12.70
N THR D 271 1.93 20.91 -13.89
CA THR D 271 0.77 20.51 -14.69
C THR D 271 1.13 20.44 -16.16
C11 SIS E . -26.07 3.78 2.92
C11 SIS E . -26.06 3.78 2.95
C12 SIS E . -27.88 -0.79 0.75
C12 SIS E . -27.86 -0.79 0.76
C13 SIS E . -27.33 0.10 -2.54
C13 SIS E . -27.31 0.12 -2.50
C21 SIS E . -24.89 4.66 2.47
C21 SIS E . -24.89 4.66 2.50
C22 SIS E . -28.49 -0.17 2.00
C22 SIS E . -28.49 -0.17 2.01
C23 SIS E . -27.21 -1.04 -3.55
C23 SIS E . -27.20 -1.02 -3.53
C31 SIS E . -23.61 3.93 2.90
C31 SIS E . -23.61 3.94 2.94
C32 SIS E . -27.43 0.61 2.79
C32 SIS E . -27.43 0.62 2.79
C33 SIS E . -25.74 -1.19 -3.96
C33 SIS E . -25.77 -1.20 -4.05
C41 SIS E . -23.76 3.55 4.35
C41 SIS E . -23.77 3.56 4.39
C42 SIS E . -26.87 1.71 1.90
C42 SIS E . -26.86 1.73 1.91
C43 SIS E . -25.21 0.14 -4.53
C43 SIS E . -25.22 0.16 -4.51
C51 SIS E . -24.90 3.71 4.98
C51 SIS E . -24.91 3.71 5.01
C52 SIS E . -26.24 1.07 0.67
C52 SIS E . -26.22 1.10 0.68
C53 SIS E . -25.37 1.21 -3.45
C53 SIS E . -25.40 1.23 -3.43
C61 SIS E . -24.93 3.51 6.48
C61 SIS E . -24.95 3.47 6.50
C62 SIS E . -27.30 0.32 -0.14
C62 SIS E . -27.28 0.33 -0.12
C83 SIS E . -23.73 0.00 -4.92
C83 SIS E . -23.72 0.11 -4.83
C93 SIS E . -26.49 -2.42 -6.02
C93 SIS E . -24.76 -3.10 -5.26
N12 SIS E . -28.89 -1.55 0.01
N12 SIS E . -28.87 -1.55 0.01
N21 SIS E . -24.89 4.92 1.03
N21 SIS E . -24.89 4.90 1.05
N32 SIS E . -28.03 1.16 4.02
N32 SIS E . -28.03 1.17 4.02
N33 SIS E . -25.53 -2.31 -4.89
N33 SIS E . -25.85 -2.12 -5.19
N61 SIS E . -23.80 2.67 6.87
N61 SIS E . -23.79 2.65 6.88
O11 SIS E . -25.82 2.42 2.58
O11 SIS E . -25.82 2.42 2.60
O23 SIS E . -27.68 -2.27 -2.98
O23 SIS E . -27.66 -2.25 -2.94
O43 SIS E . -25.95 0.55 -5.68
O43 SIS E . -25.93 0.54 -5.69
O51 SIS E . -26.08 3.88 4.35
O51 SIS E . -26.09 3.88 4.37
O52 SIS E . -25.62 2.08 -0.14
O52 SIS E . -25.63 2.11 -0.13
O53 SIS E . -26.75 1.31 -3.07
O53 SIS E . -26.78 1.33 -3.04
O62 SIS E . -26.69 -0.26 -1.30
O62 SIS E . -26.67 -0.23 -1.29
#